data_3JRO
#
_entry.id   3JRO
#
_cell.length_a   170.472
_cell.length_b   170.472
_cell.length_c   270.732
_cell.angle_alpha   90.00
_cell.angle_beta   90.00
_cell.angle_gamma   120.00
#
_symmetry.space_group_name_H-M   'P 62 2 2'
#
loop_
_entity.id
_entity.type
_entity.pdbx_description
1 polymer 'Fusion Protein of Protein Transport Protein SEC13 and Nucleoporin NUP145'
2 polymer 'Nucleoporin NUP84'
#
loop_
_entity_poly.entity_id
_entity_poly.type
_entity_poly.pdbx_seq_one_letter_code
_entity_poly.pdbx_strand_id
1 'polypeptide(L)'
;(MSE)VVIANAHNELIHDAVLDYYGKRLATCSSDKTIKIFEVEGETHKLIDTLTGHEGPVWRVDWAHPKFGTILASCSYD
GKVLIWKEENGRWSQIAVHAVHSASVNSVQWAPHEYGPLLLVASSDGKVSVVEFKENGTTSPIIIDAHAIGVNSASWAPA
TIEEDGEHNGTKESRKFVTGGADNLVKIWKYNSDAQTYVLESTLEGHSDWVRDVAWSPTVLLRSYLASVSQDRTCIIWTQ
DNEQGPWKKTLLKEEKFPDVLWRASWSLSGNVLALSGGDNKVTLWKENLEGKWEPAGEVHQGGGGSGGGGATSKEFDGPC
QNEIDLLFSECNDEIDNAKLI(MSE)KERRFTASYTFAKFSTGS(MSE)LLTKDIVGKSGVSIKRLPTELQRKFLFDDVY
LDKEIEKVTIEARKSNPYPQISESSLLFKDALDY(MSE)EKTSSDYNLWKLSSILFDPVSYPYKTDNDQVK(MSE)ALLK
KERHCRLTSWIVSQIGPEIEEKIRNSSNEIEQIFLYLLLNDVVRASKLAIESKNGHLSVLISYLGSNDPRIRDLAELQLQ
KWSTGGCSIDKNISKIYKLLSGSPFEGLFSLKELESEFSWLCLLNLTLCYGQIDEYSLESLVQSHLDKFSLPYDDPIGVI
FQLYAANENTEKLYKEVRQRTNALDVQFCWYLIQTLRFNGTRVFSKETSDEATFAFAAQLEFAQLHGHSLFVSCFLNDDK
AAEDTIKRLV(MSE)REITLLRASTNDHILNRLKIPSQLIFNAQALKDRYEGNYLSE
;
A
2 'polypeptide(L)'
;GS(MSE)ELSPTYQTERFTKFSDTLKEFKIEQNNEQNPIDPFNIIREFRSAAGQLALDLANSGDESNVISSKDWELEARF
WHLVELLLVFRNADLDLDE(MSE)ELHPYNSRGLFEKKL(MSE)QDNKQLYQIWIV(MSE)VWLKENTYV(MSE)ERPKN
VPTSKWLNSITSGGLKSCDLDFPLRENTNVLDVKDKEEDHIFFKYIYELILAGAIDEALEEAKLSDNISIC(MSE)ILCG
IQEYLNPVIDTQIANEFNTQQGIKKHSLWRRTVYSLSQQAGLDPYERAIYSYLSGAIPNQEVLQYSDWESDLHIHLNQIL
QTEIENYLLENNQVGTDELILPLPSHALTVQEVLNRVASRHPSESEHPIRVL(MSE)ASVILDSLPSVIHSSVE(MSE)L
LDVVKGTEASNDIIDKPYLLRIVTHLAICLDIINPGSVEEVDKSKLITTYISLLKLQG
;
C
#
# COMPACT_ATOMS: atom_id res chain seq x y z
N HIS A 8 42.31 25.14 -40.04
CA HIS A 8 41.50 25.75 -39.00
C HIS A 8 40.02 25.75 -39.38
N ASN A 9 39.24 26.60 -38.72
CA ASN A 9 37.82 26.76 -39.01
C ASN A 9 37.18 27.78 -38.07
N GLU A 10 36.03 28.33 -38.48
CA GLU A 10 35.32 29.33 -37.69
C GLU A 10 35.44 29.10 -36.19
N LEU A 11 36.08 30.03 -35.50
CA LEU A 11 36.17 29.96 -34.05
C LEU A 11 35.79 31.31 -33.43
N ILE A 12 35.01 31.27 -32.36
CA ILE A 12 34.47 32.48 -31.74
C ILE A 12 34.79 32.54 -30.25
N HIS A 13 34.23 33.51 -29.56
CA HIS A 13 34.46 33.66 -28.13
C HIS A 13 33.16 33.64 -27.31
N ASP A 14 32.16 34.38 -27.77
CA ASP A 14 30.89 34.48 -27.04
C ASP A 14 29.71 34.64 -27.99
N ALA A 15 28.51 34.50 -27.45
CA ALA A 15 27.28 34.65 -28.20
C ALA A 15 26.10 34.75 -27.25
N VAL A 16 25.01 35.34 -27.72
CA VAL A 16 23.84 35.55 -26.85
C VAL A 16 22.52 35.61 -27.61
N LEU A 17 21.55 34.85 -27.13
CA LEU A 17 20.17 34.93 -27.62
C LEU A 17 19.41 35.95 -26.80
N ASP A 18 18.30 36.43 -27.33
CA ASP A 18 17.52 37.46 -26.66
C ASP A 18 16.34 36.90 -25.87
N TYR A 19 15.35 37.76 -25.61
CA TYR A 19 14.22 37.43 -24.75
C TYR A 19 13.35 36.31 -25.33
N TYR A 20 13.28 36.23 -26.66
CA TYR A 20 12.40 35.26 -27.32
C TYR A 20 13.19 34.21 -28.10
N GLY A 21 14.48 34.47 -28.29
CA GLY A 21 15.35 33.53 -28.96
C GLY A 21 15.07 33.40 -30.45
N LYS A 22 14.80 34.52 -31.10
CA LYS A 22 14.64 34.53 -32.54
C LYS A 22 15.70 35.42 -33.17
N ARG A 23 16.69 35.80 -32.37
CA ARG A 23 17.80 36.62 -32.84
C ARG A 23 19.11 36.20 -32.13
N LEU A 24 20.08 35.75 -32.92
CA LEU A 24 21.38 35.31 -32.38
C LEU A 24 22.48 36.34 -32.65
N ALA A 25 23.54 36.29 -31.85
CA ALA A 25 24.68 37.19 -32.02
C ALA A 25 25.99 36.48 -31.70
N THR A 26 27.00 36.72 -32.53
CA THR A 26 28.31 36.10 -32.34
C THR A 26 29.44 37.13 -32.49
N CYS A 27 30.53 36.92 -31.76
CA CYS A 27 31.66 37.83 -31.78
C CYS A 27 33.00 37.10 -31.68
N SER A 28 33.67 36.92 -32.81
CA SER A 28 34.92 36.18 -32.83
C SER A 28 36.14 37.12 -32.88
N SER A 29 37.34 36.54 -32.88
CA SER A 29 38.57 37.30 -32.85
C SER A 29 38.82 38.04 -34.16
N ASP A 30 37.84 38.05 -35.04
CA ASP A 30 37.95 38.76 -36.31
C ASP A 30 37.47 40.21 -36.18
N LYS A 31 37.38 40.68 -34.94
CA LYS A 31 37.00 42.06 -34.66
C LYS A 31 35.62 42.41 -35.22
N THR A 32 34.75 41.40 -35.34
CA THR A 32 33.42 41.62 -35.91
C THR A 32 32.32 40.85 -35.19
N ILE A 33 31.09 41.36 -35.30
CA ILE A 33 29.91 40.71 -34.75
C ILE A 33 29.07 40.18 -35.91
N LYS A 34 28.16 39.27 -35.63
CA LYS A 34 27.25 38.75 -36.65
C LYS A 34 25.84 38.52 -36.10
N ILE A 35 24.88 39.31 -36.59
CA ILE A 35 23.49 39.21 -36.15
C ILE A 35 22.71 38.23 -37.04
N PHE A 36 22.09 37.23 -36.41
CA PHE A 36 21.37 36.17 -37.14
C PHE A 36 19.89 36.10 -36.80
N GLU A 37 19.06 35.90 -37.83
CA GLU A 37 17.63 35.65 -37.62
C GLU A 37 17.38 34.15 -37.57
N VAL A 38 17.23 33.62 -36.36
CA VAL A 38 17.07 32.18 -36.19
C VAL A 38 15.64 31.71 -36.39
N GLU A 39 15.48 30.74 -37.28
CA GLU A 39 14.17 30.16 -37.54
C GLU A 39 14.31 28.66 -37.79
N GLY A 40 14.21 27.89 -36.71
CA GLY A 40 14.37 26.45 -36.80
C GLY A 40 15.83 26.08 -36.94
N GLU A 41 16.07 24.92 -37.55
CA GLU A 41 17.43 24.40 -37.72
C GLU A 41 18.24 25.20 -38.75
N THR A 42 17.73 26.36 -39.15
CA THR A 42 18.45 27.24 -40.08
C THR A 42 19.02 28.45 -39.35
N HIS A 43 19.98 29.12 -39.99
CA HIS A 43 20.59 30.32 -39.41
C HIS A 43 20.79 31.42 -40.45
N LYS A 44 19.96 32.46 -40.37
CA LYS A 44 19.96 33.55 -41.36
C LYS A 44 20.86 34.72 -40.95
N LEU A 45 21.83 35.05 -41.80
CA LEU A 45 22.72 36.18 -41.55
C LEU A 45 22.10 37.48 -42.05
N ILE A 46 22.08 38.50 -41.19
CA ILE A 46 21.50 39.79 -41.53
C ILE A 46 22.56 40.82 -41.89
N ASP A 47 23.58 40.95 -41.05
CA ASP A 47 24.64 41.93 -41.25
C ASP A 47 25.83 41.64 -40.35
N THR A 48 27.01 42.06 -40.79
CA THR A 48 28.25 41.94 -40.01
C THR A 48 28.57 43.32 -39.42
N LEU A 49 29.27 43.33 -38.28
CA LEU A 49 29.62 44.58 -37.62
C LEU A 49 31.13 44.81 -37.60
N THR A 50 31.55 45.96 -38.11
CA THR A 50 32.96 46.21 -38.39
C THR A 50 33.63 47.15 -37.39
N GLY A 51 32.83 47.66 -36.45
CA GLY A 51 33.25 48.65 -35.48
C GLY A 51 34.57 48.49 -34.75
N HIS A 52 34.94 47.27 -34.38
CA HIS A 52 36.04 47.07 -33.42
C HIS A 52 37.47 47.15 -33.97
N GLU A 53 38.41 47.36 -33.06
CA GLU A 53 39.82 47.45 -33.40
C GLU A 53 40.62 46.28 -32.82
N GLY A 54 39.95 45.43 -32.04
CA GLY A 54 40.59 44.27 -31.45
C GLY A 54 39.65 43.07 -31.35
N PRO A 55 40.15 41.94 -30.83
CA PRO A 55 39.33 40.74 -30.66
C PRO A 55 38.12 41.02 -29.79
N VAL A 56 36.92 40.80 -30.32
CA VAL A 56 35.70 41.01 -29.56
C VAL A 56 35.45 39.86 -28.59
N TRP A 57 35.44 40.16 -27.30
CA TRP A 57 35.26 39.13 -26.28
C TRP A 57 33.80 38.65 -26.15
N ARG A 58 32.93 39.49 -25.58
CA ARG A 58 31.56 39.08 -25.30
C ARG A 58 30.49 40.03 -25.83
N VAL A 59 29.26 39.53 -25.92
CA VAL A 59 28.11 40.34 -26.30
C VAL A 59 26.90 39.96 -25.45
N ASP A 60 25.85 40.79 -25.50
CA ASP A 60 24.65 40.56 -24.71
C ASP A 60 23.53 41.51 -25.11
N TRP A 61 22.31 40.99 -25.18
CA TRP A 61 21.14 41.78 -25.55
C TRP A 61 20.53 42.48 -24.35
N ALA A 62 19.91 43.63 -24.59
CA ALA A 62 19.17 44.32 -23.54
C ALA A 62 17.70 43.97 -23.68
N HIS A 63 16.94 44.13 -22.60
CA HIS A 63 15.53 43.79 -22.59
C HIS A 63 14.80 44.48 -23.74
N PRO A 64 13.99 43.71 -24.49
CA PRO A 64 13.25 44.18 -25.67
C PRO A 64 12.16 45.21 -25.37
N LYS A 65 12.23 45.86 -24.21
CA LYS A 65 11.33 46.96 -23.91
C LYS A 65 12.05 48.29 -24.07
N PHE A 66 13.33 48.23 -24.46
CA PHE A 66 14.11 49.42 -24.74
C PHE A 66 14.49 49.49 -26.21
N GLY A 67 14.08 48.47 -26.97
CA GLY A 67 14.34 48.43 -28.38
C GLY A 67 15.23 47.25 -28.75
N THR A 68 15.82 47.31 -29.94
CA THR A 68 16.74 46.27 -30.38
C THR A 68 18.18 46.73 -30.20
N ILE A 69 18.75 46.48 -29.02
CA ILE A 69 20.09 46.95 -28.69
C ILE A 69 21.05 45.81 -28.36
N LEU A 70 22.33 46.00 -28.68
CA LEU A 70 23.37 45.02 -28.40
C LEU A 70 24.66 45.71 -27.94
N ALA A 71 25.26 45.19 -26.87
CA ALA A 71 26.52 45.72 -26.37
C ALA A 71 27.65 44.72 -26.62
N SER A 72 28.83 45.22 -26.96
CA SER A 72 29.98 44.36 -27.23
C SER A 72 31.28 44.99 -26.77
N CYS A 73 32.13 44.20 -26.13
CA CYS A 73 33.42 44.67 -25.66
C CYS A 73 34.55 43.92 -26.35
N SER A 74 35.74 44.52 -26.33
CA SER A 74 36.88 43.98 -27.05
C SER A 74 38.20 44.28 -26.34
N TYR A 75 39.30 43.86 -26.95
CA TYR A 75 40.63 44.10 -26.41
C TYR A 75 40.99 45.57 -26.46
N ASP A 76 40.23 46.35 -27.22
CA ASP A 76 40.48 47.79 -27.36
C ASP A 76 39.84 48.58 -26.23
N GLY A 77 39.41 47.88 -25.17
CA GLY A 77 38.87 48.52 -24.00
C GLY A 77 37.72 49.46 -24.27
N LYS A 78 37.03 49.24 -25.39
CA LYS A 78 35.90 50.09 -25.76
C LYS A 78 34.63 49.27 -25.90
N VAL A 79 33.65 49.55 -25.06
CA VAL A 79 32.34 48.92 -25.17
C VAL A 79 31.48 49.69 -26.15
N LEU A 80 30.89 48.98 -27.11
CA LEU A 80 30.03 49.61 -28.11
C LEU A 80 28.57 49.21 -27.92
N ILE A 81 27.67 50.10 -28.33
CA ILE A 81 26.24 49.85 -28.22
C ILE A 81 25.56 49.97 -29.58
N TRP A 82 25.11 48.84 -30.11
CA TRP A 82 24.49 48.81 -31.43
C TRP A 82 22.96 48.76 -31.31
N LYS A 83 22.26 49.27 -32.32
CA LYS A 83 20.80 49.26 -32.33
C LYS A 83 20.25 49.09 -33.74
N GLU A 84 19.12 48.39 -33.86
CA GLU A 84 18.48 48.19 -35.15
C GLU A 84 17.27 49.11 -35.34
N GLU A 85 17.38 50.00 -36.32
CA GLU A 85 16.31 50.91 -36.67
C GLU A 85 15.73 50.51 -38.02
N ASN A 86 14.48 50.04 -38.01
CA ASN A 86 13.83 49.54 -39.23
C ASN A 86 14.72 48.65 -40.09
N GLY A 87 15.56 47.85 -39.44
CA GLY A 87 16.45 46.94 -40.14
C GLY A 87 17.89 47.40 -40.17
N ARG A 88 18.08 48.70 -40.39
CA ARG A 88 19.41 49.30 -40.46
C ARG A 88 20.16 49.22 -39.13
N TRP A 89 21.33 48.58 -39.16
CA TRP A 89 22.18 48.51 -37.99
C TRP A 89 23.11 49.71 -37.91
N SER A 90 23.29 50.25 -36.71
CA SER A 90 24.13 51.44 -36.53
C SER A 90 24.60 51.61 -35.09
N GLN A 91 25.86 52.01 -34.94
CA GLN A 91 26.43 52.31 -33.64
C GLN A 91 25.77 53.57 -33.09
N ILE A 92 25.02 53.42 -32.00
CA ILE A 92 24.23 54.53 -31.46
C ILE A 92 24.95 55.28 -30.33
N ALA A 93 25.95 54.65 -29.74
CA ALA A 93 26.74 55.29 -28.69
C ALA A 93 28.07 54.57 -28.49
N VAL A 94 28.87 55.08 -27.55
CA VAL A 94 30.18 54.50 -27.28
C VAL A 94 30.58 54.76 -25.83
N HIS A 95 31.21 53.77 -25.22
CA HIS A 95 31.63 53.89 -23.83
C HIS A 95 33.03 53.30 -23.64
N ALA A 96 34.04 54.16 -23.65
CA ALA A 96 35.42 53.75 -23.50
C ALA A 96 36.12 54.56 -22.43
N VAL A 97 36.10 54.06 -21.20
CA VAL A 97 36.73 54.77 -20.09
C VAL A 97 37.74 53.89 -19.36
N HIS A 98 38.18 52.83 -20.02
CA HIS A 98 39.11 51.88 -19.42
C HIS A 98 40.47 51.90 -20.11
N SER A 99 41.53 51.89 -19.33
CA SER A 99 42.89 51.92 -19.87
C SER A 99 43.36 50.56 -20.37
N ALA A 100 42.67 49.51 -19.92
CA ALA A 100 42.99 48.15 -20.37
C ALA A 100 41.82 47.55 -21.17
N SER A 101 41.83 46.23 -21.32
CA SER A 101 40.82 45.56 -22.12
C SER A 101 39.55 45.24 -21.33
N VAL A 102 38.38 45.49 -21.95
CA VAL A 102 37.09 45.17 -21.35
C VAL A 102 36.76 43.69 -21.53
N ASN A 103 35.96 43.13 -20.62
CA ASN A 103 35.70 41.69 -20.62
C ASN A 103 34.22 41.26 -20.58
N SER A 104 33.47 41.75 -19.60
CA SER A 104 32.10 41.30 -19.41
C SER A 104 31.09 42.43 -19.59
N VAL A 105 30.02 42.14 -20.33
CA VAL A 105 28.95 43.10 -20.55
C VAL A 105 27.58 42.43 -20.39
N GLN A 106 26.78 42.93 -19.46
CA GLN A 106 25.47 42.34 -19.17
C GLN A 106 24.45 43.40 -18.73
N TRP A 107 23.27 43.37 -19.35
CA TRP A 107 22.23 44.35 -19.03
C TRP A 107 21.49 43.96 -17.76
N ALA A 108 21.41 44.89 -16.81
CA ALA A 108 20.69 44.66 -15.56
C ALA A 108 19.24 44.30 -15.87
N PRO A 109 18.54 43.71 -14.88
CA PRO A 109 17.11 43.41 -15.06
C PRO A 109 16.37 44.66 -15.52
N HIS A 110 15.31 44.50 -16.32
CA HIS A 110 14.61 45.64 -16.90
C HIS A 110 14.03 46.59 -15.84
N GLU A 111 13.85 46.10 -14.63
CA GLU A 111 13.33 46.91 -13.54
C GLU A 111 14.30 48.02 -13.15
N TYR A 112 15.56 47.86 -13.54
CA TYR A 112 16.60 48.83 -13.22
C TYR A 112 16.76 49.82 -14.37
N GLY A 113 15.88 49.73 -15.37
CA GLY A 113 15.95 50.58 -16.54
C GLY A 113 17.05 50.12 -17.48
N PRO A 114 17.33 50.93 -18.52
CA PRO A 114 18.38 50.62 -19.49
C PRO A 114 19.78 50.74 -18.88
N LEU A 115 20.15 49.77 -18.04
CA LEU A 115 21.41 49.82 -17.31
C LEU A 115 22.38 48.71 -17.74
N LEU A 116 23.64 49.06 -17.93
CA LEU A 116 24.65 48.10 -18.38
C LEU A 116 25.81 47.97 -17.40
N LEU A 117 26.31 46.75 -17.23
CA LEU A 117 27.47 46.50 -16.38
C LEU A 117 28.68 46.22 -17.26
N VAL A 118 29.85 46.72 -16.84
CA VAL A 118 31.07 46.57 -17.61
C VAL A 118 32.30 46.36 -16.73
N ALA A 119 33.02 45.27 -16.99
CA ALA A 119 34.24 44.96 -16.27
C ALA A 119 35.45 44.94 -17.22
N SER A 120 36.63 45.23 -16.69
CA SER A 120 37.83 45.35 -17.51
C SER A 120 39.06 44.77 -16.81
N SER A 121 40.17 44.72 -17.53
CA SER A 121 41.42 44.17 -17.00
C SER A 121 42.22 45.23 -16.24
N ASP A 122 41.72 46.46 -16.23
CA ASP A 122 42.37 47.53 -15.48
C ASP A 122 42.00 47.48 -14.00
N GLY A 123 41.15 46.52 -13.65
CA GLY A 123 40.76 46.30 -12.27
C GLY A 123 39.53 47.11 -11.86
N LYS A 124 38.83 47.65 -12.84
CA LYS A 124 37.70 48.52 -12.56
C LYS A 124 36.40 47.95 -13.14
N VAL A 125 35.28 48.34 -12.54
CA VAL A 125 33.96 47.95 -13.04
C VAL A 125 33.07 49.19 -13.12
N SER A 126 32.40 49.37 -14.25
CA SER A 126 31.57 50.55 -14.45
C SER A 126 30.12 50.20 -14.78
N VAL A 127 29.20 51.06 -14.35
CA VAL A 127 27.77 50.90 -14.62
C VAL A 127 27.21 52.14 -15.31
N VAL A 128 26.84 51.99 -16.58
CA VAL A 128 26.49 53.13 -17.42
C VAL A 128 24.99 53.23 -17.73
N GLU A 129 24.43 54.41 -17.54
CA GLU A 129 23.01 54.64 -17.79
C GLU A 129 22.74 55.41 -19.07
N PHE A 130 22.04 54.75 -20.00
CA PHE A 130 21.72 55.33 -21.29
C PHE A 130 20.26 55.77 -21.38
N LYS A 131 20.03 57.06 -21.54
CA LYS A 131 18.68 57.59 -21.79
C LYS A 131 18.74 58.83 -22.68
N GLU A 132 18.24 58.70 -23.90
CA GLU A 132 18.26 59.81 -24.86
C GLU A 132 17.57 61.06 -24.31
N ASN A 133 16.45 60.85 -23.64
CA ASN A 133 15.72 61.94 -23.00
C ASN A 133 16.16 62.11 -21.55
N GLY A 134 16.10 61.02 -20.79
CA GLY A 134 16.50 61.04 -19.39
C GLY A 134 17.94 61.43 -19.20
N THR A 135 18.31 61.78 -17.97
CA THR A 135 19.67 62.17 -17.66
C THR A 135 20.59 60.96 -17.54
N THR A 136 21.88 61.17 -17.78
CA THR A 136 22.87 60.09 -17.75
C THR A 136 23.93 60.34 -16.68
N SER A 137 24.15 59.33 -15.82
CA SER A 137 25.13 59.45 -14.75
C SER A 137 25.91 58.14 -14.58
N PRO A 138 27.13 58.09 -15.15
CA PRO A 138 28.01 56.92 -15.09
C PRO A 138 28.59 56.67 -13.70
N ILE A 139 29.06 55.45 -13.45
CA ILE A 139 29.67 55.07 -12.19
C ILE A 139 30.93 54.26 -12.45
N ILE A 140 31.78 54.15 -11.43
CA ILE A 140 33.04 53.39 -11.57
C ILE A 140 33.59 52.99 -10.20
N ILE A 141 34.23 51.82 -10.15
CA ILE A 141 34.81 51.32 -8.90
C ILE A 141 36.09 50.53 -9.12
N ASP A 142 37.06 50.74 -8.23
CA ASP A 142 38.28 49.93 -8.21
C ASP A 142 37.95 48.59 -7.54
N ALA A 143 37.67 47.57 -8.36
CA ALA A 143 37.19 46.30 -7.85
C ALA A 143 38.31 45.34 -7.43
N HIS A 144 39.22 45.04 -8.34
CA HIS A 144 40.27 44.04 -8.10
C HIS A 144 41.68 44.56 -8.22
N ALA A 145 42.65 43.67 -8.01
CA ALA A 145 44.06 44.05 -7.98
C ALA A 145 44.74 43.91 -9.35
N ILE A 146 44.66 42.73 -9.94
CA ILE A 146 45.30 42.48 -11.24
C ILE A 146 44.32 42.69 -12.40
N GLY A 147 43.04 42.77 -12.07
CA GLY A 147 42.00 43.00 -13.07
C GLY A 147 40.68 42.35 -12.73
N VAL A 148 39.65 42.62 -13.53
CA VAL A 148 38.34 42.03 -13.34
C VAL A 148 37.94 41.23 -14.58
N ASN A 149 37.94 39.91 -14.44
CA ASN A 149 37.62 39.03 -15.57
C ASN A 149 36.15 39.04 -15.96
N SER A 150 35.26 39.17 -14.96
CA SER A 150 33.82 39.19 -15.22
C SER A 150 32.99 39.70 -14.05
N ALA A 151 31.72 39.97 -14.32
CA ALA A 151 30.78 40.44 -13.31
C ALA A 151 29.35 40.23 -13.82
N SER A 152 28.43 39.90 -12.92
CA SER A 152 27.05 39.59 -13.33
C SER A 152 25.99 40.22 -12.42
N TRP A 153 24.86 40.56 -13.00
CA TRP A 153 23.75 41.16 -12.26
C TRP A 153 22.97 40.13 -11.46
N ALA A 154 22.56 40.51 -10.26
CA ALA A 154 21.71 39.66 -9.43
C ALA A 154 20.24 39.91 -9.75
N PRO A 155 19.39 38.92 -9.48
CA PRO A 155 17.95 39.03 -9.73
C PRO A 155 17.33 40.18 -8.97
N ALA A 156 16.40 40.91 -9.60
CA ALA A 156 15.71 42.01 -8.94
C ALA A 156 14.96 41.48 -7.72
N THR A 157 14.55 42.38 -6.85
CA THR A 157 13.84 41.99 -5.64
C THR A 157 12.47 42.66 -5.54
N THR A 167 12.65 51.36 -4.23
CA THR A 167 13.79 50.97 -3.42
C THR A 167 14.92 50.39 -4.27
N LYS A 168 15.89 51.24 -4.61
CA LYS A 168 17.02 50.84 -5.44
C LYS A 168 18.13 50.23 -4.61
N GLU A 169 17.85 49.94 -3.33
CA GLU A 169 18.86 49.49 -2.40
C GLU A 169 19.25 48.02 -2.55
N SER A 170 18.30 47.20 -2.98
CA SER A 170 18.53 45.76 -3.11
C SER A 170 19.16 45.38 -4.45
N ARG A 171 20.07 46.22 -4.93
CA ARG A 171 20.78 45.96 -6.17
C ARG A 171 22.21 45.49 -5.90
N LYS A 172 22.47 44.22 -6.18
CA LYS A 172 23.79 43.64 -5.93
C LYS A 172 24.31 42.92 -7.18
N PHE A 173 25.63 42.93 -7.36
CA PHE A 173 26.25 42.19 -8.46
C PHE A 173 27.63 41.63 -8.07
N VAL A 174 27.87 40.39 -8.49
CA VAL A 174 29.11 39.70 -8.14
C VAL A 174 30.21 39.92 -9.18
N THR A 175 31.45 39.96 -8.73
CA THR A 175 32.59 40.18 -9.61
C THR A 175 33.69 39.16 -9.38
N GLY A 176 34.42 38.84 -10.45
CA GLY A 176 35.58 37.97 -10.36
C GLY A 176 36.80 38.69 -10.90
N GLY A 177 37.98 38.39 -10.34
CA GLY A 177 39.21 39.03 -10.76
C GLY A 177 40.40 38.10 -10.78
N ALA A 178 41.45 38.52 -11.49
CA ALA A 178 42.67 37.74 -11.60
C ALA A 178 43.50 37.77 -10.34
N ASP A 179 42.93 38.31 -9.26
CA ASP A 179 43.59 38.32 -7.96
C ASP A 179 43.11 37.15 -7.12
N ASN A 180 42.29 36.30 -7.74
CA ASN A 180 41.83 35.04 -7.17
C ASN A 180 40.60 35.16 -6.27
N LEU A 181 39.97 36.32 -6.28
CA LEU A 181 38.87 36.59 -5.36
C LEU A 181 37.54 36.80 -6.08
N VAL A 182 36.45 36.67 -5.33
CA VAL A 182 35.11 36.89 -5.85
C VAL A 182 34.39 37.88 -4.95
N LYS A 183 34.31 39.13 -5.38
CA LYS A 183 33.75 40.19 -4.53
C LYS A 183 32.30 40.51 -4.89
N ILE A 184 31.52 40.93 -3.89
CA ILE A 184 30.13 41.29 -4.07
C ILE A 184 29.88 42.73 -3.62
N TRP A 185 29.06 43.46 -4.38
CA TRP A 185 28.80 44.86 -4.07
C TRP A 185 27.31 45.12 -3.82
N LYS A 186 26.96 46.36 -3.50
CA LYS A 186 25.58 46.76 -3.26
C LYS A 186 25.38 48.26 -3.43
N TYR A 187 24.32 48.65 -4.15
CA TYR A 187 24.06 50.05 -4.42
C TYR A 187 23.71 50.84 -3.15
N ASN A 188 24.61 51.71 -2.73
CA ASN A 188 24.41 52.51 -1.53
C ASN A 188 23.91 53.91 -1.87
N SER A 189 22.84 54.33 -1.20
CA SER A 189 22.26 55.65 -1.43
C SER A 189 23.21 56.75 -0.98
N ASP A 190 23.78 56.59 0.20
CA ASP A 190 24.68 57.56 0.79
C ASP A 190 25.91 57.81 -0.07
N ALA A 191 26.62 56.74 -0.41
CA ALA A 191 27.88 56.84 -1.13
C ALA A 191 27.69 57.24 -2.60
N GLN A 192 26.47 57.11 -3.10
CA GLN A 192 26.19 57.40 -4.51
C GLN A 192 26.96 56.45 -5.44
N THR A 193 27.15 55.21 -4.98
CA THR A 193 27.87 54.20 -5.75
C THR A 193 27.65 52.81 -5.15
N TYR A 194 28.32 51.80 -5.71
CA TYR A 194 28.20 50.43 -5.20
C TYR A 194 29.35 50.09 -4.25
N VAL A 195 29.04 49.99 -2.96
CA VAL A 195 30.05 49.67 -1.95
C VAL A 195 30.27 48.16 -1.82
N LEU A 196 31.42 47.78 -1.26
CA LEU A 196 31.76 46.37 -1.09
C LEU A 196 30.94 45.76 0.03
N GLU A 197 30.41 44.57 -0.19
CA GLU A 197 29.57 43.90 0.80
C GLU A 197 30.12 42.56 1.26
N SER A 198 30.88 41.89 0.39
CA SER A 198 31.40 40.58 0.72
C SER A 198 32.61 40.17 -0.11
N THR A 199 33.61 39.59 0.55
CA THR A 199 34.74 38.98 -0.13
C THR A 199 34.73 37.47 0.14
N LEU A 200 35.11 36.69 -0.86
CA LEU A 200 35.05 35.23 -0.75
C LEU A 200 36.33 34.56 -1.24
N GLU A 201 37.25 34.32 -0.31
CA GLU A 201 38.57 33.79 -0.63
C GLU A 201 38.56 32.26 -0.70
N GLY A 202 38.05 31.73 -1.80
CA GLY A 202 37.92 30.29 -1.96
C GLY A 202 38.64 29.72 -3.17
N HIS A 203 39.30 30.58 -3.93
CA HIS A 203 40.06 30.14 -5.10
C HIS A 203 41.55 30.36 -4.92
N SER A 204 42.34 29.77 -5.81
CA SER A 204 43.80 29.90 -5.75
C SER A 204 44.42 30.33 -7.09
N ASP A 205 43.62 31.01 -7.92
CA ASP A 205 44.10 31.49 -9.23
C ASP A 205 43.08 32.42 -9.90
N TRP A 206 43.25 32.65 -11.20
CA TRP A 206 42.39 33.56 -11.95
C TRP A 206 40.93 33.12 -12.00
N VAL A 207 40.03 33.95 -11.49
CA VAL A 207 38.60 33.70 -11.61
C VAL A 207 38.14 34.08 -13.01
N ARG A 208 37.72 33.10 -13.79
CA ARG A 208 37.35 33.32 -15.19
C ARG A 208 35.96 33.93 -15.37
N ASP A 209 35.02 33.51 -14.52
CA ASP A 209 33.63 33.94 -14.68
C ASP A 209 32.84 33.74 -13.39
N VAL A 210 31.83 34.58 -13.19
CA VAL A 210 30.92 34.45 -12.06
C VAL A 210 29.50 34.79 -12.49
N ALA A 211 28.55 33.91 -12.21
CA ALA A 211 27.16 34.15 -12.56
C ALA A 211 26.26 34.01 -11.34
N TRP A 212 25.31 34.93 -11.21
CA TRP A 212 24.36 34.89 -10.11
C TRP A 212 23.17 34.02 -10.51
N SER A 213 22.48 33.48 -9.52
CA SER A 213 21.41 32.52 -9.78
C SER A 213 20.05 33.17 -9.94
N PRO A 214 19.51 33.14 -11.16
CA PRO A 214 18.16 33.66 -11.42
C PRO A 214 17.08 32.92 -10.64
N THR A 215 17.44 31.85 -9.94
CA THR A 215 16.47 31.10 -9.17
C THR A 215 15.82 32.00 -8.12
N VAL A 216 14.71 31.55 -7.54
CA VAL A 216 13.96 32.43 -6.66
C VAL A 216 13.78 31.87 -5.25
N LEU A 217 14.20 30.62 -5.03
CA LEU A 217 14.09 30.00 -3.72
C LEU A 217 14.78 30.85 -2.65
N LEU A 218 14.49 30.58 -1.38
CA LEU A 218 15.03 31.39 -0.28
C LEU A 218 16.55 31.54 -0.32
N ARG A 219 17.24 30.53 -0.84
CA ARG A 219 18.70 30.59 -0.94
C ARG A 219 19.17 31.21 -2.25
N SER A 220 20.19 32.08 -2.16
CA SER A 220 20.82 32.63 -3.34
C SER A 220 21.91 31.68 -3.80
N TYR A 221 22.24 31.70 -5.09
CA TYR A 221 23.30 30.84 -5.61
C TYR A 221 24.29 31.62 -6.47
N LEU A 222 25.57 31.32 -6.31
CA LEU A 222 26.62 31.94 -7.10
C LEU A 222 27.59 30.86 -7.61
N ALA A 223 28.05 31.02 -8.84
CA ALA A 223 28.97 30.05 -9.43
C ALA A 223 30.25 30.71 -9.91
N SER A 224 31.36 30.35 -9.28
CA SER A 224 32.66 30.90 -9.66
C SER A 224 33.57 29.85 -10.29
N VAL A 225 33.94 30.08 -11.54
CA VAL A 225 34.86 29.19 -12.26
C VAL A 225 36.29 29.70 -12.15
N SER A 226 37.23 28.80 -11.96
CA SER A 226 38.62 29.19 -11.73
C SER A 226 39.54 28.72 -12.84
N GLN A 227 40.80 29.16 -12.78
CA GLN A 227 41.82 28.73 -13.73
C GLN A 227 42.54 27.52 -13.14
N ASP A 228 42.58 27.47 -11.81
CA ASP A 228 43.16 26.33 -11.11
C ASP A 228 42.26 25.11 -11.29
N ARG A 229 41.27 25.24 -12.18
CA ARG A 229 40.41 24.13 -12.58
C ARG A 229 39.25 23.82 -11.61
N THR A 230 39.12 24.61 -10.55
CA THR A 230 38.07 24.36 -9.57
C THR A 230 36.75 25.08 -9.91
N CYS A 231 35.67 24.74 -9.20
CA CYS A 231 34.42 25.47 -9.31
C CYS A 231 33.66 25.49 -7.99
N ILE A 232 33.48 26.69 -7.43
CA ILE A 232 32.77 26.85 -6.16
C ILE A 232 31.36 27.38 -6.37
N ILE A 233 30.43 26.87 -5.58
CA ILE A 233 29.07 27.36 -5.57
C ILE A 233 28.76 27.90 -4.19
N TRP A 234 28.35 29.17 -4.12
CA TRP A 234 28.12 29.81 -2.83
C TRP A 234 26.63 30.01 -2.58
N THR A 235 26.18 29.62 -1.39
CA THR A 235 24.76 29.71 -1.05
C THR A 235 24.54 30.58 0.17
N GLN A 236 23.36 31.18 0.26
CA GLN A 236 23.01 32.06 1.37
C GLN A 236 21.50 32.11 1.60
N ASP A 237 21.09 31.86 2.83
CA ASP A 237 19.69 31.93 3.21
C ASP A 237 19.33 33.33 3.67
N ASN A 238 19.81 33.70 4.85
CA ASN A 238 19.59 35.03 5.39
C ASN A 238 20.07 36.09 4.43
N GLU A 239 19.65 37.33 4.63
CA GLU A 239 20.01 38.41 3.71
C GLU A 239 21.32 39.09 4.10
N GLN A 240 21.77 38.87 5.33
CA GLN A 240 23.02 39.43 5.81
C GLN A 240 23.92 38.32 6.36
N GLY A 241 23.56 37.08 6.06
CA GLY A 241 24.28 35.93 6.59
C GLY A 241 25.57 35.63 5.86
N PRO A 242 26.30 34.60 6.31
CA PRO A 242 27.58 34.18 5.74
C PRO A 242 27.40 33.41 4.45
N TRP A 243 28.17 33.78 3.41
CA TRP A 243 28.13 33.07 2.14
C TRP A 243 28.81 31.71 2.28
N LYS A 244 28.00 30.64 2.29
CA LYS A 244 28.53 29.30 2.43
C LYS A 244 29.24 28.84 1.15
N LYS A 245 30.51 28.45 1.29
CA LYS A 245 31.29 27.95 0.17
C LYS A 245 31.13 26.44 0.01
N THR A 246 31.16 25.96 -1.22
CA THR A 246 31.01 24.52 -1.50
C THR A 246 31.53 24.13 -2.88
N LEU A 247 32.61 23.35 -2.92
CA LEU A 247 33.16 22.85 -4.18
C LEU A 247 32.12 22.06 -4.97
N LEU A 248 32.12 22.22 -6.29
CA LEU A 248 31.20 21.47 -7.14
C LEU A 248 31.49 19.98 -7.02
N LYS A 249 32.78 19.62 -7.11
CA LYS A 249 33.21 18.26 -6.79
C LYS A 249 34.58 18.29 -6.11
N GLU A 250 34.78 17.40 -5.15
CA GLU A 250 35.95 17.44 -4.30
C GLU A 250 37.27 17.29 -5.07
N GLU A 251 37.21 16.76 -6.28
CA GLU A 251 38.39 16.68 -7.15
C GLU A 251 38.32 17.70 -8.28
N LYS A 252 39.48 18.21 -8.66
CA LYS A 252 39.58 19.28 -9.65
C LYS A 252 39.39 18.78 -11.08
N PHE A 253 38.72 19.59 -11.89
CA PHE A 253 38.43 19.25 -13.28
C PHE A 253 39.67 18.87 -14.09
N PRO A 254 39.45 18.37 -15.31
CA PRO A 254 40.54 18.02 -16.23
C PRO A 254 41.36 19.24 -16.65
N ASP A 255 40.72 20.13 -17.40
CA ASP A 255 41.39 21.29 -17.97
C ASP A 255 40.90 22.57 -17.29
N VAL A 256 41.21 23.72 -17.89
CA VAL A 256 40.82 25.01 -17.31
C VAL A 256 39.39 25.39 -17.71
N LEU A 257 38.57 25.73 -16.72
CA LEU A 257 37.18 26.12 -16.97
C LEU A 257 37.06 27.60 -17.30
N TRP A 258 36.05 27.95 -18.09
CA TRP A 258 35.85 29.33 -18.53
C TRP A 258 34.52 29.93 -18.06
N ARG A 259 33.43 29.45 -18.63
CA ARG A 259 32.10 30.02 -18.38
C ARG A 259 31.29 29.31 -17.31
N ALA A 260 30.31 30.01 -16.77
CA ALA A 260 29.39 29.44 -15.80
C ALA A 260 28.04 30.13 -15.94
N SER A 261 27.06 29.43 -16.51
CA SER A 261 25.76 30.01 -16.77
C SER A 261 24.62 29.20 -16.14
N TRP A 262 23.66 29.90 -15.55
CA TRP A 262 22.52 29.25 -14.91
C TRP A 262 21.33 29.21 -15.85
N SER A 263 20.45 28.24 -15.65
CA SER A 263 19.20 28.17 -16.37
C SER A 263 18.17 29.03 -15.66
N LEU A 264 17.33 29.70 -16.43
CA LEU A 264 16.36 30.62 -15.86
C LEU A 264 15.41 29.90 -14.92
N SER A 265 15.24 28.60 -15.14
CA SER A 265 14.35 27.81 -14.30
C SER A 265 14.97 26.46 -13.98
N GLY A 266 14.85 26.05 -12.73
CA GLY A 266 15.37 24.77 -12.31
C GLY A 266 16.71 24.87 -11.61
N ASN A 267 17.33 26.04 -11.67
CA ASN A 267 18.60 26.24 -11.00
C ASN A 267 19.68 25.30 -11.54
N VAL A 268 19.66 25.07 -12.85
CA VAL A 268 20.67 24.24 -13.51
C VAL A 268 21.96 25.03 -13.70
N LEU A 269 23.10 24.35 -13.68
CA LEU A 269 24.38 25.02 -13.87
C LEU A 269 25.18 24.44 -15.04
N ALA A 270 25.10 25.09 -16.19
CA ALA A 270 25.93 24.68 -17.32
C ALA A 270 27.34 25.18 -17.07
N LEU A 271 28.31 24.35 -17.40
CA LEU A 271 29.71 24.66 -17.14
C LEU A 271 30.57 24.34 -18.36
N SER A 272 31.36 25.31 -18.78
CA SER A 272 32.20 25.15 -19.96
C SER A 272 33.66 24.93 -19.58
N GLY A 273 34.16 23.72 -19.82
CA GLY A 273 35.51 23.37 -19.46
C GLY A 273 36.51 23.57 -20.59
N GLY A 274 37.78 23.30 -20.31
CA GLY A 274 38.83 23.42 -21.30
C GLY A 274 39.00 22.16 -22.14
N ASP A 275 38.39 21.08 -21.68
CA ASP A 275 38.39 19.83 -22.44
C ASP A 275 37.40 19.90 -23.61
N ASN A 276 37.10 21.13 -24.04
CA ASN A 276 36.18 21.40 -25.15
C ASN A 276 34.74 20.92 -24.90
N LYS A 277 34.51 20.29 -23.75
CA LYS A 277 33.19 19.75 -23.42
C LYS A 277 32.46 20.60 -22.39
N VAL A 278 31.13 20.60 -22.50
CA VAL A 278 30.28 21.30 -21.54
C VAL A 278 29.70 20.27 -20.58
N THR A 279 29.67 20.59 -19.29
CA THR A 279 29.16 19.66 -18.29
C THR A 279 28.05 20.29 -17.44
N LEU A 280 26.86 19.71 -17.47
CA LEU A 280 25.73 20.24 -16.71
C LEU A 280 25.76 19.79 -15.26
N TRP A 281 25.08 20.53 -14.39
CA TRP A 281 25.04 20.19 -12.96
C TRP A 281 23.74 20.60 -12.28
N LYS A 282 23.22 19.73 -11.43
CA LYS A 282 22.04 20.02 -10.63
C LYS A 282 22.27 19.64 -9.17
N GLU A 283 21.39 20.12 -8.29
CA GLU A 283 21.57 19.92 -6.85
C GLU A 283 20.67 18.82 -6.32
N ASN A 284 20.97 18.34 -5.12
CA ASN A 284 20.16 17.32 -4.46
C ASN A 284 19.63 17.81 -3.12
N LEU A 285 18.97 16.93 -2.39
CA LEU A 285 18.51 17.24 -1.05
C LEU A 285 19.68 17.53 -0.12
N GLU A 286 20.87 17.05 -0.51
CA GLU A 286 22.04 17.18 0.35
C GLU A 286 22.70 18.55 0.21
N GLY A 287 22.75 19.06 -1.01
CA GLY A 287 23.47 20.28 -1.30
C GLY A 287 24.67 19.96 -2.16
N LYS A 288 25.07 18.70 -2.14
CA LYS A 288 26.14 18.21 -2.99
C LYS A 288 25.59 17.96 -4.39
N TRP A 289 26.31 18.45 -5.40
CA TRP A 289 25.80 18.47 -6.77
C TRP A 289 26.15 17.23 -7.60
N GLU A 290 25.11 16.61 -8.17
CA GLU A 290 25.28 15.48 -9.09
C GLU A 290 25.02 15.94 -10.52
N PRO A 291 25.83 15.47 -11.47
CA PRO A 291 25.81 15.92 -12.87
C PRO A 291 24.50 15.58 -13.59
N ALA A 292 23.96 16.54 -14.32
CA ALA A 292 22.75 16.32 -15.10
C ALA A 292 23.10 15.78 -16.49
N GLY A 293 22.12 15.79 -17.38
CA GLY A 293 22.28 15.23 -18.72
C GLY A 293 23.44 15.81 -19.51
N GLU A 294 24.43 14.98 -19.79
CA GLU A 294 25.61 15.43 -20.53
C GLU A 294 25.25 15.77 -21.98
N VAL A 295 25.83 16.85 -22.47
CA VAL A 295 25.68 17.24 -23.87
C VAL A 295 27.00 17.78 -24.42
N HIS A 296 27.57 17.06 -25.39
CA HIS A 296 28.89 17.36 -25.97
C HIS A 296 30.02 16.79 -25.13
N ILE A 331 49.93 34.04 -35.96
CA ILE A 331 49.40 35.15 -36.73
C ILE A 331 50.32 36.38 -36.57
N ASP A 332 49.74 37.55 -36.31
CA ASP A 332 50.49 38.81 -36.29
C ASP A 332 49.97 39.75 -35.19
N ASN A 333 50.68 39.79 -34.06
CA ASN A 333 50.31 40.65 -32.93
C ASN A 333 49.06 40.18 -32.20
N ALA A 334 48.47 39.09 -32.69
CA ALA A 334 47.28 38.50 -32.09
C ALA A 334 47.64 37.47 -31.03
N LYS A 335 48.83 36.90 -31.15
CA LYS A 335 49.32 35.90 -30.20
C LYS A 335 49.48 36.51 -28.81
N LEU A 336 50.36 37.49 -28.70
CA LEU A 336 50.56 38.21 -27.43
C LEU A 336 49.23 38.58 -26.78
N ILE A 337 48.32 39.15 -27.56
CA ILE A 337 47.00 39.53 -27.05
C ILE A 337 46.40 38.35 -26.28
N LYS A 339 47.90 35.75 -25.20
CA LYS A 339 48.79 35.30 -24.13
C LYS A 339 48.68 36.13 -22.85
N GLU A 340 48.49 37.44 -22.98
CA GLU A 340 48.34 38.32 -21.83
C GLU A 340 46.99 38.10 -21.19
N ARG A 341 46.22 37.23 -21.82
CA ARG A 341 44.88 36.89 -21.36
C ARG A 341 44.88 35.48 -20.77
N ARG A 342 46.07 34.94 -20.52
CA ARG A 342 46.21 33.57 -20.02
C ARG A 342 45.12 32.68 -20.60
N PHE A 343 44.95 32.81 -21.91
CA PHE A 343 43.84 32.24 -22.65
C PHE A 343 44.32 31.09 -23.50
N THR A 344 43.67 29.93 -23.39
CA THR A 344 44.12 28.76 -24.15
C THR A 344 43.42 28.67 -25.50
N ALA A 345 43.77 27.65 -26.30
CA ALA A 345 43.17 27.46 -27.61
C ALA A 345 41.90 26.62 -27.53
N SER A 346 41.64 26.07 -26.36
CA SER A 346 40.43 25.31 -26.12
C SER A 346 39.39 26.18 -25.43
N TYR A 347 38.77 27.10 -26.18
CA TYR A 347 37.80 28.00 -25.57
C TYR A 347 36.36 27.68 -25.94
N THR A 348 35.72 26.87 -25.10
CA THR A 348 34.30 26.55 -25.25
C THR A 348 33.49 27.50 -24.37
N PHE A 349 32.20 27.60 -24.62
CA PHE A 349 31.31 28.45 -23.83
C PHE A 349 29.89 27.95 -23.88
N ALA A 350 29.11 28.30 -22.87
CA ALA A 350 27.73 27.86 -22.78
C ALA A 350 26.91 28.75 -21.86
N LYS A 351 26.08 29.60 -22.47
CA LYS A 351 25.15 30.43 -21.71
C LYS A 351 23.72 29.98 -22.01
N PHE A 352 22.91 29.88 -20.96
CA PHE A 352 21.50 29.55 -21.12
C PHE A 352 20.75 30.66 -21.82
N SER A 353 19.62 30.32 -22.44
CA SER A 353 18.78 31.31 -23.11
C SER A 353 17.46 31.48 -22.39
N THR A 354 16.69 32.51 -22.76
CA THR A 354 15.41 32.76 -22.13
C THR A 354 14.53 31.52 -22.19
N GLY A 355 14.71 30.73 -23.25
CA GLY A 355 13.94 29.51 -23.42
C GLY A 355 14.46 28.37 -22.58
N SER A 356 15.23 28.71 -21.55
CA SER A 356 15.88 27.70 -20.71
C SER A 356 16.62 26.69 -21.58
N LEU A 358 20.21 25.67 -23.94
CA LEU A 358 21.66 25.84 -23.78
C LEU A 358 22.37 26.07 -25.11
N LEU A 359 23.07 27.20 -25.19
CA LEU A 359 23.87 27.53 -26.37
C LEU A 359 25.30 27.08 -26.18
N THR A 360 25.88 26.50 -27.23
CA THR A 360 27.25 26.00 -27.15
C THR A 360 27.92 26.04 -28.51
N LYS A 361 29.21 26.37 -28.52
CA LYS A 361 29.95 26.42 -29.78
C LYS A 361 30.18 25.02 -30.34
N ASP A 362 29.86 24.86 -31.62
CA ASP A 362 30.25 23.68 -32.38
C ASP A 362 30.78 24.14 -33.74
N ILE A 363 30.70 23.26 -34.73
CA ILE A 363 30.96 23.64 -36.10
C ILE A 363 29.76 23.20 -36.92
N VAL A 364 28.84 22.53 -36.24
CA VAL A 364 27.57 22.10 -36.82
C VAL A 364 26.57 23.27 -36.86
N GLY A 365 26.74 24.14 -37.84
CA GLY A 365 25.89 25.31 -38.00
C GLY A 365 26.59 26.39 -38.80
N LYS A 366 25.81 27.24 -39.46
CA LYS A 366 26.38 28.30 -40.29
C LYS A 366 27.08 29.36 -39.45
N SER A 367 27.02 29.18 -38.12
CA SER A 367 27.66 30.11 -37.21
C SER A 367 28.17 29.39 -35.96
N GLY A 368 28.51 28.13 -36.10
CA GLY A 368 29.10 27.35 -35.02
C GLY A 368 28.47 27.60 -33.67
N VAL A 369 27.15 27.70 -33.63
CA VAL A 369 26.43 27.90 -32.38
C VAL A 369 25.18 27.03 -32.33
N SER A 370 25.29 25.86 -31.69
CA SER A 370 24.15 24.98 -31.53
C SER A 370 23.19 25.50 -30.47
N ILE A 371 21.90 25.31 -30.72
CA ILE A 371 20.86 25.76 -29.80
C ILE A 371 20.10 24.56 -29.25
N LYS A 372 20.82 23.49 -28.92
CA LYS A 372 20.19 22.25 -28.47
C LYS A 372 19.17 22.47 -27.37
N ARG A 373 18.18 21.58 -27.31
CA ARG A 373 17.20 21.57 -26.24
C ARG A 373 17.78 20.77 -25.08
N LEU A 374 17.47 21.17 -23.85
CA LEU A 374 17.99 20.47 -22.69
C LEU A 374 17.72 18.97 -22.77
N PRO A 375 18.56 18.16 -22.10
CA PRO A 375 18.34 16.71 -22.05
C PRO A 375 17.24 16.35 -21.06
N THR A 376 15.98 16.42 -21.50
CA THR A 376 14.85 16.12 -20.65
C THR A 376 14.87 14.68 -20.17
N GLU A 377 15.61 14.45 -19.10
CA GLU A 377 15.71 13.11 -18.54
C GLU A 377 14.33 12.52 -18.30
N LEU A 378 13.38 13.34 -17.86
CA LEU A 378 12.03 12.87 -17.58
C LEU A 378 11.34 12.37 -18.84
N GLN A 379 10.79 11.15 -18.77
CA GLN A 379 10.15 10.54 -19.92
C GLN A 379 8.78 9.95 -19.58
N ARG A 380 7.74 10.58 -20.09
CA ARG A 380 6.39 10.06 -19.93
C ARG A 380 5.57 10.41 -21.16
N LYS A 381 4.89 9.41 -21.71
CA LYS A 381 4.17 9.56 -22.96
C LYS A 381 2.92 10.46 -22.82
N PHE A 382 2.11 10.19 -21.80
CA PHE A 382 0.83 10.88 -21.62
C PHE A 382 0.97 12.39 -21.37
N LEU A 383 2.17 12.82 -20.96
CA LEU A 383 2.40 14.23 -20.65
C LEU A 383 2.17 15.14 -21.87
N PHE A 384 2.72 14.74 -23.02
CA PHE A 384 2.64 15.56 -24.23
C PHE A 384 1.20 15.79 -24.69
N ASP A 385 0.25 15.22 -23.97
CA ASP A 385 -1.18 15.30 -24.33
C ASP A 385 -1.85 16.52 -23.68
N ASP A 386 -2.61 17.26 -24.47
CA ASP A 386 -3.34 18.43 -23.98
C ASP A 386 -4.57 18.03 -23.17
N VAL A 387 -5.14 16.87 -23.49
CA VAL A 387 -6.33 16.37 -22.81
C VAL A 387 -6.05 15.95 -21.36
N TYR A 388 -4.79 15.62 -21.06
CA TYR A 388 -4.40 15.28 -19.71
C TYR A 388 -4.36 16.53 -18.84
N LEU A 389 -3.69 17.56 -19.35
CA LEU A 389 -3.63 18.83 -18.66
C LEU A 389 -5.04 19.33 -18.34
N ASP A 390 -5.91 19.32 -19.34
CA ASP A 390 -7.27 19.84 -19.21
C ASP A 390 -8.06 19.18 -18.08
N LYS A 391 -8.18 17.86 -18.12
CA LYS A 391 -8.99 17.14 -17.14
C LYS A 391 -8.28 17.01 -15.79
N GLU A 392 -7.04 17.48 -15.73
CA GLU A 392 -6.28 17.42 -14.49
C GLU A 392 -6.47 18.70 -13.68
N ILE A 393 -6.73 19.80 -14.37
CA ILE A 393 -6.98 21.08 -13.72
C ILE A 393 -8.29 21.00 -12.94
N GLU A 394 -9.30 20.39 -13.54
CA GLU A 394 -10.63 20.30 -12.95
C GLU A 394 -10.60 19.69 -11.54
N LYS A 395 -9.67 18.76 -11.31
CA LYS A 395 -9.55 18.12 -10.02
C LYS A 395 -9.03 19.09 -8.96
N VAL A 396 -8.96 20.38 -9.33
CA VAL A 396 -8.36 21.38 -8.46
C VAL A 396 -9.25 22.59 -8.23
N THR A 397 -9.07 23.23 -7.08
CA THR A 397 -9.75 24.48 -6.76
C THR A 397 -8.70 25.59 -6.54
N ILE A 398 -8.46 26.39 -7.57
CA ILE A 398 -7.39 27.40 -7.56
C ILE A 398 -7.78 28.69 -6.80
N GLU A 399 -6.86 29.18 -5.98
CA GLU A 399 -7.08 30.38 -5.17
C GLU A 399 -5.82 31.23 -5.11
N ALA A 400 -5.99 32.55 -5.16
CA ALA A 400 -4.85 33.47 -5.10
C ALA A 400 -4.36 33.68 -3.68
N ARG A 401 -3.05 33.91 -3.53
CA ARG A 401 -2.44 34.00 -2.21
C ARG A 401 -2.69 35.34 -1.50
N LYS A 402 -2.18 35.45 -0.27
CA LYS A 402 -2.43 36.62 0.56
C LYS A 402 -1.29 37.64 0.51
N SER A 403 -0.30 37.39 -0.34
CA SER A 403 0.79 38.35 -0.53
C SER A 403 0.96 38.69 -2.00
N ASN A 404 0.04 38.19 -2.82
CA ASN A 404 0.02 38.50 -4.25
C ASN A 404 -1.14 37.78 -4.95
N PRO A 405 -1.58 38.33 -6.09
CA PRO A 405 -2.69 37.78 -6.88
C PRO A 405 -2.36 36.42 -7.48
N TYR A 406 -1.09 36.01 -7.41
CA TYR A 406 -0.64 34.78 -8.06
C TYR A 406 -1.29 33.51 -7.50
N PRO A 407 -1.99 32.78 -8.38
CA PRO A 407 -2.78 31.57 -8.07
C PRO A 407 -1.94 30.45 -7.49
N GLN A 408 -2.52 29.69 -6.57
CA GLN A 408 -1.86 28.55 -5.96
C GLN A 408 -2.90 27.56 -5.44
N ILE A 409 -2.62 26.27 -5.60
CA ILE A 409 -3.60 25.23 -5.26
C ILE A 409 -4.02 25.27 -3.80
N SER A 410 -5.33 25.24 -3.58
CA SER A 410 -5.89 25.26 -2.24
C SER A 410 -6.51 23.91 -1.90
N GLU A 411 -7.23 23.34 -2.86
CA GLU A 411 -7.88 22.05 -2.70
C GLU A 411 -7.50 21.11 -3.84
N SER A 412 -7.11 19.88 -3.50
CA SER A 412 -6.76 18.89 -4.52
C SER A 412 -7.33 17.52 -4.24
N SER A 413 -7.95 16.93 -5.26
CA SER A 413 -8.54 15.61 -5.16
C SER A 413 -7.81 14.65 -6.10
N LEU A 414 -6.50 14.84 -6.22
CA LEU A 414 -5.68 14.05 -7.13
C LEU A 414 -5.24 12.73 -6.52
N LEU A 415 -5.76 11.63 -7.06
CA LEU A 415 -5.36 10.29 -6.60
C LEU A 415 -4.49 9.63 -7.65
N PHE A 416 -3.74 8.62 -7.23
CA PHE A 416 -2.89 7.89 -8.16
C PHE A 416 -3.72 7.24 -9.26
N LYS A 417 -4.91 6.76 -8.91
CA LYS A 417 -5.79 6.13 -9.89
C LYS A 417 -5.83 6.94 -11.18
N ASP A 418 -5.92 8.26 -11.03
CA ASP A 418 -6.06 9.17 -12.16
C ASP A 418 -5.05 8.90 -13.27
N ALA A 419 -3.77 8.85 -12.89
CA ALA A 419 -2.69 8.71 -13.85
C ALA A 419 -2.48 7.27 -14.29
N LEU A 420 -3.54 6.47 -14.26
CA LEU A 420 -3.44 5.06 -14.65
C LEU A 420 -4.12 4.77 -15.99
N ASP A 421 -5.17 5.53 -16.29
CA ASP A 421 -5.88 5.38 -17.55
C ASP A 421 -5.02 5.78 -18.74
N TYR A 422 -4.11 6.71 -18.50
CA TYR A 422 -3.27 7.27 -19.56
C TYR A 422 -2.01 6.44 -19.80
N GLU A 424 -0.31 2.08 -20.05
CA GLU A 424 -0.60 0.72 -20.47
C GLU A 424 -0.51 -0.24 -19.30
N LYS A 425 -1.27 -1.33 -19.35
CA LYS A 425 -1.26 -2.34 -18.31
C LYS A 425 -0.08 -3.30 -18.51
N THR A 426 0.97 -2.81 -19.16
CA THR A 426 2.14 -3.62 -19.45
C THR A 426 3.44 -2.88 -19.11
N SER A 427 3.56 -1.62 -19.53
CA SER A 427 4.76 -0.85 -19.24
C SER A 427 5.09 -0.92 -17.75
N SER A 428 6.36 -1.08 -17.42
CA SER A 428 6.80 -1.31 -16.04
C SER A 428 6.19 -0.31 -15.05
N ASP A 429 5.92 0.91 -15.51
CA ASP A 429 5.38 1.95 -14.66
C ASP A 429 4.03 1.60 -14.03
N TYR A 430 3.10 1.09 -14.84
CA TYR A 430 1.77 0.75 -14.36
C TYR A 430 1.81 -0.05 -13.06
N ASN A 431 2.83 -0.90 -12.91
CA ASN A 431 3.01 -1.66 -11.69
C ASN A 431 3.41 -0.74 -10.53
N LEU A 432 4.46 0.03 -10.75
CA LEU A 432 4.90 1.02 -9.77
C LEU A 432 3.77 1.94 -9.33
N TRP A 433 2.93 2.34 -10.28
CA TRP A 433 1.84 3.27 -10.00
C TRP A 433 0.64 2.62 -9.32
N LYS A 434 0.05 1.62 -9.97
CA LYS A 434 -1.14 0.97 -9.45
C LYS A 434 -0.99 0.54 -8.00
N LEU A 435 0.24 0.19 -7.61
CA LEU A 435 0.52 -0.20 -6.23
C LEU A 435 0.35 0.97 -5.29
N SER A 436 0.95 2.10 -5.65
CA SER A 436 0.81 3.32 -4.87
C SER A 436 -0.66 3.66 -4.78
N SER A 437 -1.40 3.26 -5.80
CA SER A 437 -2.82 3.54 -5.88
C SER A 437 -3.63 2.62 -4.97
N ILE A 438 -2.98 1.61 -4.43
CA ILE A 438 -3.65 0.68 -3.53
C ILE A 438 -3.17 0.83 -2.11
N LEU A 439 -1.95 1.33 -1.96
CA LEU A 439 -1.37 1.57 -0.65
C LEU A 439 -1.82 2.92 -0.08
N PHE A 440 -1.41 4.00 -0.73
CA PHE A 440 -1.62 5.35 -0.19
C PHE A 440 -2.95 5.98 -0.57
N ASP A 441 -3.63 5.42 -1.57
CA ASP A 441 -4.91 5.97 -2.00
C ASP A 441 -6.02 5.64 -1.01
N PRO A 442 -6.65 6.69 -0.47
CA PRO A 442 -7.71 6.63 0.55
C PRO A 442 -8.89 5.78 0.11
N VAL A 443 -8.86 4.50 0.46
CA VAL A 443 -9.96 3.59 0.12
C VAL A 443 -11.27 4.17 0.60
N SER A 444 -12.35 3.84 -0.11
CA SER A 444 -13.68 4.29 0.29
C SER A 444 -14.68 3.14 0.28
N TYR A 445 -15.52 3.10 1.31
CA TYR A 445 -16.52 2.05 1.45
C TYR A 445 -17.92 2.57 1.15
N PRO A 446 -18.55 2.01 0.10
CA PRO A 446 -19.89 2.40 -0.37
C PRO A 446 -20.90 2.58 0.76
N TYR A 447 -21.30 1.49 1.40
CA TYR A 447 -22.36 1.53 2.43
C TYR A 447 -21.87 1.81 3.85
N LYS A 448 -22.17 3.01 4.35
CA LYS A 448 -21.81 3.41 5.71
C LYS A 448 -22.29 2.40 6.76
N THR A 449 -21.67 2.43 7.94
CA THR A 449 -21.97 1.45 8.97
C THR A 449 -22.03 2.07 10.37
N ASP A 450 -22.67 1.33 11.28
CA ASP A 450 -23.02 1.81 12.61
C ASP A 450 -21.89 2.57 13.33
N ASN A 451 -20.75 1.90 13.47
CA ASN A 451 -19.63 2.49 14.19
C ASN A 451 -18.57 3.05 13.25
N ASP A 452 -17.71 3.91 13.80
CA ASP A 452 -16.64 4.49 13.01
C ASP A 452 -15.45 3.54 12.99
N GLN A 453 -15.45 2.58 13.92
CA GLN A 453 -14.42 1.56 13.94
C GLN A 453 -14.71 0.50 12.89
N VAL A 454 -16.00 0.27 12.64
CA VAL A 454 -16.42 -0.73 11.67
C VAL A 454 -16.15 -0.27 10.23
N LYS A 455 -16.35 1.03 9.99
CA LYS A 455 -16.01 1.62 8.69
C LYS A 455 -14.50 1.58 8.51
N ALA A 457 -12.21 -0.97 10.04
CA ALA A 457 -11.75 -2.35 9.87
C ALA A 457 -12.14 -2.92 8.50
N LEU A 458 -13.23 -2.40 7.95
CA LEU A 458 -13.65 -2.77 6.60
C LEU A 458 -12.70 -2.16 5.58
N LEU A 459 -12.38 -0.88 5.77
CA LEU A 459 -11.40 -0.22 4.92
C LEU A 459 -10.05 -0.87 5.11
N LYS A 460 -9.72 -1.20 6.35
CA LYS A 460 -8.52 -1.94 6.69
C LYS A 460 -8.44 -3.26 5.90
N LYS A 461 -9.61 -3.86 5.64
CA LYS A 461 -9.67 -5.16 4.99
C LYS A 461 -9.64 -5.05 3.47
N GLU A 462 -10.52 -4.24 2.91
CA GLU A 462 -10.61 -4.10 1.46
C GLU A 462 -9.28 -3.69 0.83
N ARG A 463 -8.51 -2.87 1.54
CA ARG A 463 -7.22 -2.43 1.04
C ARG A 463 -6.22 -3.57 1.16
N HIS A 464 -6.37 -4.35 2.21
CA HIS A 464 -5.53 -5.53 2.43
C HIS A 464 -5.67 -6.54 1.30
N CYS A 465 -6.89 -6.77 0.84
CA CYS A 465 -7.15 -7.75 -0.22
C CYS A 465 -6.65 -7.27 -1.58
N ARG A 466 -6.74 -5.97 -1.82
CA ARG A 466 -6.25 -5.39 -3.07
C ARG A 466 -4.75 -5.61 -3.19
N LEU A 467 -4.04 -5.37 -2.10
CA LEU A 467 -2.60 -5.50 -2.07
C LEU A 467 -2.19 -6.93 -2.40
N THR A 468 -2.77 -7.89 -1.69
CA THR A 468 -2.43 -9.30 -1.84
C THR A 468 -2.91 -9.88 -3.17
N SER A 469 -4.06 -9.41 -3.66
CA SER A 469 -4.56 -9.83 -4.95
C SER A 469 -3.70 -9.28 -6.08
N TRP A 470 -2.82 -8.34 -5.74
CA TRP A 470 -1.85 -7.81 -6.70
C TRP A 470 -0.53 -8.56 -6.61
N ILE A 471 -0.05 -8.81 -5.39
CA ILE A 471 1.16 -9.58 -5.20
C ILE A 471 1.02 -10.91 -5.94
N VAL A 472 -0.22 -11.32 -6.16
CA VAL A 472 -0.52 -12.51 -6.95
C VAL A 472 -0.25 -12.27 -8.42
N SER A 473 -0.82 -11.18 -8.95
CA SER A 473 -0.65 -10.85 -10.36
C SER A 473 0.81 -10.80 -10.77
N GLN A 474 1.67 -10.35 -9.86
CA GLN A 474 3.08 -10.16 -10.17
C GLN A 474 3.88 -11.45 -9.93
N ILE A 475 3.80 -11.98 -8.72
CA ILE A 475 4.42 -13.26 -8.39
C ILE A 475 3.90 -14.37 -9.30
N GLY A 476 2.77 -14.10 -9.94
CA GLY A 476 2.14 -15.07 -10.83
C GLY A 476 3.11 -15.95 -11.58
N PRO A 477 3.77 -15.40 -12.61
CA PRO A 477 4.69 -16.16 -13.47
C PRO A 477 5.84 -16.77 -12.68
N GLU A 478 6.28 -16.11 -11.62
CA GLU A 478 7.41 -16.62 -10.82
C GLU A 478 7.12 -17.98 -10.21
N ILE A 479 5.98 -18.10 -9.55
CA ILE A 479 5.59 -19.36 -8.90
C ILE A 479 5.00 -20.36 -9.89
N GLU A 480 4.18 -19.88 -10.82
CA GLU A 480 3.54 -20.73 -11.81
C GLU A 480 4.57 -21.56 -12.58
N GLU A 481 5.74 -20.98 -12.80
CA GLU A 481 6.80 -21.67 -13.54
C GLU A 481 7.66 -22.53 -12.60
N LYS A 482 7.55 -22.26 -11.30
CA LYS A 482 8.24 -23.06 -10.29
C LYS A 482 7.37 -24.23 -9.83
N ILE A 483 6.17 -24.35 -10.42
CA ILE A 483 5.28 -25.47 -10.12
C ILE A 483 5.41 -26.54 -11.18
N ARG A 484 5.92 -26.15 -12.34
CA ARG A 484 6.22 -27.10 -13.40
C ARG A 484 7.40 -27.97 -12.95
N ASN A 485 8.45 -27.32 -12.46
CA ASN A 485 9.64 -28.00 -11.95
C ASN A 485 9.40 -28.59 -10.56
N SER A 486 8.65 -29.69 -10.49
CA SER A 486 8.34 -30.32 -9.21
C SER A 486 7.82 -31.73 -9.39
N SER A 487 8.52 -32.69 -8.78
CA SER A 487 8.05 -34.06 -8.72
C SER A 487 7.67 -34.37 -7.28
N ASN A 488 7.31 -33.32 -6.55
CA ASN A 488 6.82 -33.46 -5.18
C ASN A 488 5.46 -32.79 -5.05
N GLU A 489 4.40 -33.59 -5.14
CA GLU A 489 3.04 -33.08 -5.12
C GLU A 489 2.75 -32.23 -3.89
N ILE A 490 3.43 -32.51 -2.79
CA ILE A 490 3.27 -31.72 -1.58
C ILE A 490 3.89 -30.36 -1.75
N GLU A 491 5.08 -30.32 -2.35
CA GLU A 491 5.75 -29.06 -2.64
C GLU A 491 4.88 -28.26 -3.60
N GLN A 492 4.14 -28.96 -4.46
CA GLN A 492 3.20 -28.31 -5.35
C GLN A 492 2.11 -27.60 -4.55
N ILE A 493 1.93 -28.02 -3.30
CA ILE A 493 0.99 -27.36 -2.40
C ILE A 493 1.59 -26.08 -1.80
N PHE A 494 2.71 -26.21 -1.10
CA PHE A 494 3.36 -25.05 -0.51
C PHE A 494 3.51 -23.93 -1.51
N LEU A 495 3.68 -24.28 -2.79
CA LEU A 495 3.80 -23.26 -3.83
C LEU A 495 2.44 -22.64 -4.16
N TYR A 496 1.42 -23.47 -4.30
CA TYR A 496 0.07 -22.99 -4.53
C TYR A 496 -0.45 -22.12 -3.41
N LEU A 497 0.21 -22.17 -2.25
CA LEU A 497 -0.19 -21.35 -1.10
C LEU A 497 0.45 -19.97 -1.16
N LEU A 498 1.52 -19.87 -1.93
CA LEU A 498 2.17 -18.59 -2.18
C LEU A 498 1.35 -17.83 -3.21
N LEU A 499 0.29 -18.45 -3.71
CA LEU A 499 -0.60 -17.77 -4.64
C LEU A 499 -1.90 -17.39 -3.93
N ASN A 500 -1.91 -17.55 -2.61
CA ASN A 500 -3.07 -17.21 -1.78
C ASN A 500 -4.32 -17.98 -2.20
N ASP A 501 -4.11 -19.13 -2.84
CA ASP A 501 -5.20 -19.93 -3.36
C ASP A 501 -5.44 -21.19 -2.52
N VAL A 502 -5.91 -21.00 -1.29
CA VAL A 502 -6.19 -22.12 -0.40
C VAL A 502 -7.05 -23.17 -1.10
N VAL A 503 -8.03 -22.69 -1.88
CA VAL A 503 -8.95 -23.58 -2.58
C VAL A 503 -8.23 -24.64 -3.40
N ARG A 504 -7.60 -24.24 -4.50
CA ARG A 504 -6.86 -25.18 -5.34
C ARG A 504 -5.68 -25.79 -4.59
N ALA A 505 -5.47 -25.35 -3.35
CA ALA A 505 -4.38 -25.86 -2.53
C ALA A 505 -4.84 -27.07 -1.73
N SER A 506 -5.95 -26.91 -1.03
CA SER A 506 -6.53 -27.99 -0.24
C SER A 506 -7.08 -29.08 -1.15
N LYS A 507 -7.72 -28.68 -2.25
CA LYS A 507 -8.23 -29.64 -3.21
C LYS A 507 -7.12 -30.58 -3.61
N LEU A 508 -5.93 -30.01 -3.81
CA LEU A 508 -4.78 -30.80 -4.22
C LEU A 508 -4.33 -31.71 -3.10
N ALA A 509 -4.36 -31.20 -1.87
CA ALA A 509 -3.96 -31.98 -0.70
C ALA A 509 -4.67 -33.34 -0.65
N ILE A 510 -5.95 -33.36 -1.02
CA ILE A 510 -6.71 -34.61 -1.03
C ILE A 510 -6.26 -35.53 -2.16
N GLU A 511 -6.16 -34.98 -3.36
CA GLU A 511 -5.69 -35.74 -4.51
C GLU A 511 -4.29 -36.25 -4.27
N SER A 512 -3.63 -35.71 -3.24
CA SER A 512 -2.30 -36.14 -2.88
C SER A 512 -2.32 -37.48 -2.14
N LYS A 513 -3.51 -38.05 -1.98
CA LYS A 513 -3.70 -39.34 -1.33
C LYS A 513 -3.52 -39.24 0.18
N ASN A 514 -3.23 -38.02 0.65
CA ASN A 514 -3.13 -37.75 2.08
C ASN A 514 -4.15 -36.69 2.51
N GLY A 515 -4.83 -36.96 3.61
CA GLY A 515 -6.03 -36.19 3.92
C GLY A 515 -5.87 -35.09 4.94
N HIS A 516 -5.26 -35.40 6.07
CA HIS A 516 -5.22 -34.48 7.20
C HIS A 516 -4.80 -33.05 6.85
N LEU A 517 -3.67 -32.90 6.17
CA LEU A 517 -3.15 -31.58 5.86
C LEU A 517 -4.19 -30.78 5.09
N SER A 518 -4.90 -31.45 4.19
CA SER A 518 -5.99 -30.82 3.44
C SER A 518 -6.98 -30.11 4.35
N VAL A 519 -7.18 -30.64 5.56
CA VAL A 519 -8.08 -30.01 6.51
C VAL A 519 -7.39 -28.84 7.19
N LEU A 520 -6.12 -29.00 7.50
CA LEU A 520 -5.36 -27.92 8.15
C LEU A 520 -5.10 -26.75 7.21
N ILE A 521 -5.12 -27.00 5.90
CA ILE A 521 -4.97 -25.94 4.91
C ILE A 521 -6.16 -24.99 4.98
N SER A 522 -7.30 -25.52 5.37
CA SER A 522 -8.52 -24.73 5.43
C SER A 522 -8.55 -23.84 6.66
N TYR A 523 -7.60 -24.02 7.57
CA TYR A 523 -7.47 -23.16 8.74
C TYR A 523 -6.47 -22.04 8.50
N LEU A 524 -6.47 -21.49 7.28
CA LEU A 524 -5.36 -20.64 6.85
C LEU A 524 -5.64 -19.14 6.94
N GLY A 525 -6.48 -18.63 6.06
CA GLY A 525 -6.83 -17.21 6.08
C GLY A 525 -7.07 -16.65 7.46
N SER A 526 -7.96 -17.28 8.22
CA SER A 526 -8.26 -16.83 9.58
C SER A 526 -7.05 -16.91 10.46
N ASN A 527 -6.93 -15.96 11.37
CA ASN A 527 -5.79 -15.91 12.24
C ASN A 527 -6.11 -16.39 13.64
N ASP A 528 -6.86 -17.48 13.72
CA ASP A 528 -7.22 -18.09 14.98
C ASP A 528 -6.00 -18.29 15.87
N PRO A 529 -6.01 -17.68 17.06
CA PRO A 529 -4.91 -17.79 18.04
C PRO A 529 -4.62 -19.22 18.50
N ARG A 530 -5.67 -19.98 18.86
CA ARG A 530 -5.47 -21.34 19.36
C ARG A 530 -4.78 -22.24 18.34
N ILE A 531 -4.83 -21.86 17.06
CA ILE A 531 -4.17 -22.62 16.02
C ILE A 531 -2.71 -22.20 15.84
N ARG A 532 -2.45 -20.90 15.93
CA ARG A 532 -1.08 -20.41 15.90
C ARG A 532 -0.33 -20.94 17.11
N ASP A 533 -1.07 -21.18 18.19
CA ASP A 533 -0.49 -21.77 19.38
C ASP A 533 -0.09 -23.22 19.11
N LEU A 534 -1.04 -24.03 18.64
CA LEU A 534 -0.83 -25.45 18.40
C LEU A 534 0.32 -25.75 17.43
N ALA A 535 0.45 -24.94 16.39
CA ALA A 535 1.54 -25.09 15.43
C ALA A 535 2.87 -25.14 16.18
N GLU A 536 3.14 -24.11 16.97
CA GLU A 536 4.38 -24.06 17.73
C GLU A 536 4.54 -25.24 18.68
N LEU A 537 3.42 -25.72 19.22
CA LEU A 537 3.45 -26.87 20.13
C LEU A 537 3.69 -28.19 19.39
N GLN A 538 3.15 -28.30 18.18
CA GLN A 538 3.34 -29.51 17.38
C GLN A 538 4.79 -29.64 16.96
N LEU A 539 5.40 -28.50 16.67
CA LEU A 539 6.77 -28.48 16.20
C LEU A 539 7.75 -28.72 17.34
N GLN A 540 7.48 -28.15 18.51
CA GLN A 540 8.36 -28.37 19.67
C GLN A 540 8.38 -29.84 20.06
N LYS A 541 7.30 -30.54 19.73
CA LYS A 541 7.20 -31.97 19.99
C LYS A 541 7.65 -32.79 18.79
N TRP A 542 8.25 -32.11 17.81
CA TRP A 542 8.93 -32.79 16.73
C TRP A 542 10.40 -32.91 17.11
N SER A 543 10.94 -31.84 17.66
CA SER A 543 12.33 -31.79 18.10
C SER A 543 12.68 -32.99 18.98
N THR A 544 12.06 -33.06 20.15
CA THR A 544 12.34 -34.13 21.09
C THR A 544 12.18 -35.52 20.48
N GLY A 545 11.26 -35.65 19.54
CA GLY A 545 10.96 -36.95 18.94
C GLY A 545 12.00 -37.45 17.98
N GLY A 546 12.87 -36.54 17.53
CA GLY A 546 13.89 -36.88 16.55
C GLY A 546 13.24 -37.37 15.27
N CYS A 547 12.02 -36.90 15.02
CA CYS A 547 11.28 -37.33 13.85
C CYS A 547 11.77 -36.60 12.61
N SER A 548 11.56 -37.20 11.45
CA SER A 548 11.97 -36.57 10.20
C SER A 548 10.76 -36.24 9.31
N ILE A 549 10.20 -35.04 9.49
CA ILE A 549 9.06 -34.60 8.70
C ILE A 549 9.46 -34.09 7.32
N ASP A 550 8.70 -34.48 6.30
CA ASP A 550 8.93 -33.99 4.95
C ASP A 550 9.15 -32.48 4.99
N LYS A 551 10.25 -32.03 4.39
CA LYS A 551 10.67 -30.62 4.51
C LYS A 551 9.56 -29.62 4.17
N ASN A 552 8.82 -29.87 3.10
CA ASN A 552 7.79 -28.93 2.70
C ASN A 552 6.42 -29.14 3.38
N ILE A 553 6.32 -30.16 4.23
CA ILE A 553 5.11 -30.36 5.04
C ILE A 553 5.23 -29.66 6.39
N SER A 554 6.45 -29.57 6.91
CA SER A 554 6.69 -28.87 8.16
C SER A 554 6.66 -27.37 7.92
N LYS A 555 6.84 -26.97 6.67
CA LYS A 555 6.78 -25.56 6.29
C LYS A 555 5.33 -25.09 6.21
N ILE A 556 4.46 -25.93 5.63
CA ILE A 556 3.03 -25.62 5.61
C ILE A 556 2.53 -25.48 7.04
N TYR A 557 3.06 -26.32 7.92
CA TYR A 557 2.76 -26.24 9.35
C TYR A 557 3.27 -24.94 9.94
N LYS A 558 4.34 -24.40 9.37
CA LYS A 558 4.94 -23.17 9.87
C LYS A 558 4.15 -21.93 9.43
N LEU A 559 3.25 -22.10 8.47
CA LEU A 559 2.41 -20.99 8.02
C LEU A 559 1.19 -20.80 8.91
N LEU A 560 0.98 -21.72 9.84
CA LEU A 560 -0.13 -21.63 10.76
C LEU A 560 0.26 -20.93 12.05
N SER A 561 1.57 -20.88 12.32
CA SER A 561 2.05 -20.28 13.56
C SER A 561 2.10 -18.76 13.47
N GLY A 562 1.43 -18.21 12.45
CA GLY A 562 1.29 -16.78 12.29
C GLY A 562 2.60 -16.02 12.17
N SER A 563 3.71 -16.74 12.22
CA SER A 563 5.03 -16.13 12.12
C SER A 563 6.03 -17.17 11.61
N PRO A 564 6.24 -17.20 10.28
CA PRO A 564 7.03 -18.26 9.67
C PRO A 564 8.51 -17.93 9.55
N PHE A 565 8.85 -16.64 9.48
CA PHE A 565 10.22 -16.24 9.20
C PHE A 565 11.07 -16.02 10.45
N GLU A 566 10.54 -16.41 11.61
CA GLU A 566 11.28 -16.22 12.85
C GLU A 566 11.13 -17.43 13.79
N GLY A 567 10.31 -18.38 13.36
CA GLY A 567 9.97 -19.50 14.21
C GLY A 567 11.11 -20.42 14.59
N LEU A 568 10.75 -21.49 15.29
CA LEU A 568 11.68 -22.55 15.67
C LEU A 568 12.16 -23.23 14.39
N PHE A 569 11.21 -23.69 13.60
CA PHE A 569 11.50 -24.19 12.26
C PHE A 569 11.42 -23.03 11.29
N SER A 570 12.43 -22.16 11.31
CA SER A 570 12.39 -20.91 10.56
C SER A 570 12.38 -21.11 9.05
N LEU A 571 11.97 -20.08 8.33
CA LEU A 571 11.86 -20.12 6.87
C LEU A 571 12.77 -19.12 6.19
N LYS A 572 13.67 -18.50 6.95
CA LYS A 572 14.60 -17.53 6.39
C LYS A 572 15.37 -18.13 5.23
N GLU A 573 15.53 -19.46 5.27
CA GLU A 573 16.23 -20.19 4.21
C GLU A 573 15.68 -19.84 2.83
N LEU A 574 14.40 -19.53 2.76
CA LEU A 574 13.72 -19.34 1.49
C LEU A 574 14.20 -18.14 0.70
N GLU A 575 15.15 -17.40 1.27
CA GLU A 575 15.76 -16.26 0.57
C GLU A 575 16.35 -16.72 -0.75
N SER A 576 16.77 -17.97 -0.79
CA SER A 576 17.55 -18.49 -1.92
C SER A 576 16.80 -18.56 -3.25
N GLU A 577 15.63 -19.21 -3.26
CA GLU A 577 14.91 -19.42 -4.52
C GLU A 577 13.69 -18.53 -4.71
N PHE A 578 13.21 -17.91 -3.64
CA PHE A 578 11.98 -17.14 -3.72
C PHE A 578 12.21 -15.64 -3.63
N SER A 579 11.58 -14.91 -4.53
CA SER A 579 11.69 -13.46 -4.58
C SER A 579 11.40 -12.83 -3.22
N TRP A 580 12.08 -11.74 -2.91
CA TRP A 580 11.87 -11.05 -1.64
C TRP A 580 10.42 -10.67 -1.48
N LEU A 581 9.80 -10.31 -2.60
CA LEU A 581 8.40 -9.89 -2.63
C LEU A 581 7.51 -11.02 -2.14
N CYS A 582 7.79 -12.22 -2.63
CA CYS A 582 7.00 -13.39 -2.30
C CYS A 582 7.08 -13.71 -0.81
N LEU A 583 8.27 -13.59 -0.24
CA LEU A 583 8.45 -13.78 1.19
C LEU A 583 7.55 -12.81 1.94
N LEU A 584 7.44 -11.59 1.40
CA LEU A 584 6.58 -10.58 2.00
C LEU A 584 5.13 -11.02 1.92
N ASN A 585 4.73 -11.51 0.76
CA ASN A 585 3.35 -11.93 0.54
C ASN A 585 2.86 -12.94 1.59
N LEU A 586 3.78 -13.71 2.14
CA LEU A 586 3.44 -14.65 3.20
C LEU A 586 2.98 -13.91 4.46
N THR A 587 3.91 -13.19 5.10
CA THR A 587 3.60 -12.50 6.34
C THR A 587 2.42 -11.54 6.23
N LEU A 588 1.94 -11.34 5.00
CA LEU A 588 0.78 -10.48 4.74
C LEU A 588 -0.54 -11.26 4.73
N CYS A 589 -0.50 -12.52 4.30
CA CYS A 589 -1.71 -13.33 4.22
C CYS A 589 -1.92 -14.20 5.44
N TYR A 590 -0.84 -14.80 5.93
CA TYR A 590 -0.92 -15.77 7.00
C TYR A 590 -0.35 -15.23 8.30
N GLY A 591 0.19 -14.02 8.23
CA GLY A 591 0.67 -13.34 9.42
C GLY A 591 -0.50 -12.87 10.26
N GLN A 592 -0.20 -12.22 11.38
CA GLN A 592 -1.20 -11.79 12.35
C GLN A 592 -1.99 -10.56 11.88
N ILE A 593 -2.87 -10.77 10.91
CA ILE A 593 -3.63 -9.68 10.30
C ILE A 593 -4.31 -8.79 11.32
N ASP A 594 -4.96 -9.39 12.30
CA ASP A 594 -5.84 -8.64 13.19
C ASP A 594 -5.10 -7.91 14.32
N GLU A 595 -4.05 -8.53 14.82
CA GLU A 595 -3.34 -8.01 15.98
C GLU A 595 -2.59 -6.71 15.72
N TYR A 596 -1.93 -6.63 14.57
CA TYR A 596 -1.14 -5.44 14.21
C TYR A 596 -1.86 -4.58 13.18
N SER A 597 -1.21 -3.49 12.76
CA SER A 597 -1.78 -2.61 11.76
C SER A 597 -1.15 -2.86 10.40
N LEU A 598 -1.95 -2.80 9.35
CA LEU A 598 -1.50 -3.13 8.00
C LEU A 598 -0.18 -2.44 7.65
N GLU A 599 -0.05 -1.19 8.07
CA GLU A 599 1.21 -0.47 7.91
C GLU A 599 2.30 -1.18 8.72
N SER A 600 2.17 -1.11 10.04
CA SER A 600 3.13 -1.73 10.94
C SER A 600 3.58 -3.11 10.47
N LEU A 601 2.62 -3.98 10.15
CA LEU A 601 2.92 -5.35 9.72
C LEU A 601 3.91 -5.35 8.57
N VAL A 602 3.54 -4.72 7.46
CA VAL A 602 4.42 -4.62 6.31
C VAL A 602 5.83 -4.25 6.75
N GLN A 603 5.93 -3.40 7.77
CA GLN A 603 7.22 -2.97 8.30
C GLN A 603 7.94 -4.10 9.04
N SER A 604 7.19 -4.86 9.84
CA SER A 604 7.78 -5.93 10.64
C SER A 604 8.30 -7.06 9.76
N HIS A 605 8.17 -6.91 8.44
CA HIS A 605 8.77 -7.86 7.51
C HIS A 605 10.12 -7.34 7.03
N LEU A 606 10.22 -6.02 6.86
CA LEU A 606 11.47 -5.40 6.43
C LEU A 606 12.55 -5.59 7.49
N ASP A 607 12.15 -5.53 8.76
CA ASP A 607 13.08 -5.71 9.86
C ASP A 607 13.70 -7.11 9.84
N LYS A 608 13.16 -7.96 8.98
CA LYS A 608 13.63 -9.34 8.85
C LYS A 608 14.59 -9.49 7.66
N PHE A 609 14.45 -8.60 6.68
CA PHE A 609 15.27 -8.67 5.47
C PHE A 609 15.62 -7.30 4.91
N SER A 610 16.83 -7.18 4.39
CA SER A 610 17.14 -6.04 3.53
C SER A 610 16.35 -6.30 2.25
N LEU A 611 16.16 -5.26 1.44
CA LEU A 611 15.42 -5.40 0.20
C LEU A 611 16.26 -4.83 -0.96
N PRO A 612 15.87 -5.15 -2.21
CA PRO A 612 16.55 -4.56 -3.35
C PRO A 612 16.75 -3.07 -3.16
N TYR A 613 18.00 -2.72 -2.87
CA TYR A 613 18.40 -1.35 -2.57
C TYR A 613 18.04 -0.37 -3.68
N ASP A 614 17.70 -0.89 -4.86
CA ASP A 614 17.41 -0.04 -6.02
C ASP A 614 16.13 -0.44 -6.74
N ASP A 615 15.10 -0.80 -5.98
CA ASP A 615 13.86 -1.26 -6.57
C ASP A 615 12.73 -0.25 -6.33
N PRO A 616 12.08 0.20 -7.41
CA PRO A 616 10.95 1.13 -7.33
C PRO A 616 9.85 0.59 -6.42
N ILE A 617 9.31 -0.57 -6.77
CA ILE A 617 8.24 -1.19 -5.99
C ILE A 617 8.72 -1.52 -4.57
N GLY A 618 9.98 -1.94 -4.46
CA GLY A 618 10.53 -2.31 -3.17
C GLY A 618 10.68 -1.12 -2.24
N VAL A 619 11.04 0.02 -2.80
CA VAL A 619 11.21 1.24 -2.02
C VAL A 619 9.85 1.78 -1.56
N ILE A 620 8.90 1.81 -2.47
CA ILE A 620 7.54 2.26 -2.15
C ILE A 620 7.08 1.71 -0.80
N PHE A 621 7.17 0.40 -0.64
CA PHE A 621 6.78 -0.24 0.62
C PHE A 621 7.48 0.41 1.82
N GLN A 622 8.79 0.65 1.69
CA GLN A 622 9.58 1.19 2.80
C GLN A 622 9.00 2.50 3.34
N LEU A 623 8.30 3.22 2.47
CA LEU A 623 7.57 4.42 2.87
C LEU A 623 6.34 4.02 3.66
N TYR A 624 5.46 3.25 3.03
CA TYR A 624 4.27 2.73 3.67
C TYR A 624 4.66 2.20 5.05
N ALA A 625 5.86 1.66 5.14
CA ALA A 625 6.36 1.01 6.36
C ALA A 625 6.40 1.91 7.59
N ALA A 626 7.21 2.97 7.54
CA ALA A 626 7.36 3.87 8.67
C ALA A 626 6.47 5.10 8.50
N ASN A 627 5.31 5.07 9.16
CA ASN A 627 4.31 6.11 9.02
C ASN A 627 4.73 7.43 9.67
N GLU A 628 5.20 7.34 10.91
CA GLU A 628 5.59 8.53 11.68
C GLU A 628 6.84 9.19 11.12
N ASN A 629 7.67 8.41 10.44
CA ASN A 629 8.91 8.93 9.89
C ASN A 629 8.98 8.82 8.36
N THR A 630 7.81 8.73 7.73
CA THR A 630 7.75 8.58 6.29
C THR A 630 8.49 9.69 5.55
N GLU A 631 8.40 10.92 6.08
CA GLU A 631 9.07 12.06 5.47
C GLU A 631 10.58 12.03 5.74
N LYS A 632 10.96 11.54 6.91
CA LYS A 632 12.36 11.47 7.30
C LYS A 632 13.11 10.46 6.42
N LEU A 633 12.36 9.48 5.92
CA LEU A 633 12.92 8.37 5.16
C LEU A 633 12.89 8.64 3.66
N TYR A 634 12.03 9.57 3.25
CA TYR A 634 11.95 9.94 1.84
C TYR A 634 13.24 10.66 1.42
N LYS A 635 13.77 11.48 2.30
CA LYS A 635 15.03 12.16 2.03
C LYS A 635 16.18 11.16 2.19
N GLU A 636 15.98 10.21 3.10
CA GLU A 636 16.91 9.14 3.35
C GLU A 636 17.01 8.22 2.12
N VAL A 637 15.99 8.28 1.27
CA VAL A 637 15.91 7.42 0.08
C VAL A 637 16.58 8.03 -1.12
N ARG A 638 16.18 9.25 -1.46
CA ARG A 638 16.62 9.92 -2.66
C ARG A 638 18.09 10.31 -2.52
N GLN A 639 18.58 10.26 -1.28
CA GLN A 639 19.99 10.52 -0.98
C GLN A 639 20.88 9.35 -1.40
N ARG A 640 20.23 8.20 -1.65
CA ARG A 640 20.96 6.96 -1.93
C ARG A 640 20.62 6.36 -3.29
N THR A 641 19.45 6.67 -3.83
CA THR A 641 19.04 6.05 -5.10
C THR A 641 18.04 6.82 -5.96
N ASN A 642 18.46 7.11 -7.19
CA ASN A 642 17.60 7.71 -8.21
C ASN A 642 16.65 6.66 -8.79
N ALA A 643 15.78 6.11 -7.95
CA ALA A 643 14.87 5.07 -8.38
C ALA A 643 13.42 5.55 -8.52
N LEU A 644 13.11 6.69 -7.91
CA LEU A 644 11.77 7.27 -8.02
C LEU A 644 11.77 8.45 -8.99
N ASP A 645 10.96 8.32 -10.05
CA ASP A 645 10.88 9.34 -11.11
C ASP A 645 10.73 10.75 -10.54
N VAL A 646 11.23 11.75 -11.27
CA VAL A 646 11.11 13.14 -10.86
C VAL A 646 9.64 13.55 -10.74
N GLN A 647 8.83 13.11 -11.70
CA GLN A 647 7.39 13.38 -11.70
C GLN A 647 6.71 12.62 -10.57
N PHE A 648 7.27 11.46 -10.23
CA PHE A 648 6.71 10.62 -9.20
C PHE A 648 6.88 11.25 -7.82
N CYS A 649 8.09 11.70 -7.50
CA CYS A 649 8.38 12.32 -6.21
C CYS A 649 7.38 13.43 -5.87
N TRP A 650 6.96 14.16 -6.90
CA TRP A 650 5.98 15.23 -6.72
C TRP A 650 4.60 14.62 -6.50
N TYR A 651 4.08 13.96 -7.53
CA TYR A 651 2.74 13.37 -7.47
C TYR A 651 2.58 12.54 -6.21
N LEU A 652 3.70 11.99 -5.74
CA LEU A 652 3.72 11.18 -4.53
C LEU A 652 3.54 12.01 -3.27
N ILE A 653 4.38 13.02 -3.10
CA ILE A 653 4.35 13.86 -1.91
C ILE A 653 3.19 14.86 -1.93
N GLN A 654 2.63 15.07 -3.11
CA GLN A 654 1.56 16.04 -3.27
C GLN A 654 0.19 15.39 -3.06
N THR A 655 -0.02 14.22 -3.64
CA THR A 655 -1.26 13.48 -3.46
C THR A 655 -1.40 13.02 -2.01
N LEU A 656 -0.28 12.92 -1.30
CA LEU A 656 -0.30 12.50 0.09
C LEU A 656 -0.57 13.67 1.04
N ARG A 657 -0.37 14.88 0.55
CA ARG A 657 -0.51 16.08 1.37
C ARG A 657 -1.88 16.72 1.19
N PHE A 658 -2.63 16.25 0.20
CA PHE A 658 -3.99 16.74 -0.02
C PHE A 658 -5.03 15.68 0.29
N ASN A 659 -4.60 14.61 0.94
CA ASN A 659 -5.51 13.57 1.37
C ASN A 659 -5.37 13.30 2.87
N GLY A 660 -4.42 13.99 3.49
CA GLY A 660 -4.16 13.83 4.91
C GLY A 660 -3.65 12.43 5.23
N THR A 661 -2.70 11.95 4.42
CA THR A 661 -2.17 10.61 4.60
C THR A 661 -0.91 10.61 5.46
N ARG A 662 -0.04 11.60 5.24
CA ARG A 662 1.21 11.69 6.00
C ARG A 662 1.68 13.11 6.22
N VAL A 663 2.85 13.25 6.85
CA VAL A 663 3.42 14.55 7.21
C VAL A 663 4.41 15.04 6.15
N PHE A 664 4.27 16.29 5.72
CA PHE A 664 5.11 16.82 4.64
C PHE A 664 5.56 18.27 4.84
N SER A 665 6.87 18.48 4.78
CA SER A 665 7.45 19.82 4.92
C SER A 665 7.29 20.61 3.63
N LYS A 666 6.78 21.83 3.74
CA LYS A 666 6.61 22.68 2.57
C LYS A 666 7.92 22.75 1.81
N GLU A 667 9.00 22.92 2.56
CA GLU A 667 10.33 23.03 1.97
C GLU A 667 10.59 21.90 1.00
N THR A 668 10.30 20.69 1.45
CA THR A 668 10.52 19.51 0.63
C THR A 668 9.56 19.46 -0.55
N SER A 669 8.27 19.68 -0.29
CA SER A 669 7.26 19.67 -1.35
C SER A 669 7.70 20.54 -2.52
N ASP A 670 8.11 21.77 -2.21
CA ASP A 670 8.57 22.69 -3.23
C ASP A 670 9.74 22.10 -4.01
N GLU A 671 10.71 21.53 -3.30
CA GLU A 671 11.92 21.01 -3.94
C GLU A 671 11.62 20.12 -5.15
N ALA A 672 10.72 19.16 -4.97
CA ALA A 672 10.38 18.21 -6.02
C ALA A 672 9.36 18.80 -6.99
N THR A 673 8.72 19.88 -6.55
CA THR A 673 7.83 20.63 -7.44
C THR A 673 8.65 21.51 -8.39
N PHE A 674 9.78 22.01 -7.92
CA PHE A 674 10.68 22.79 -8.78
C PHE A 674 11.15 21.90 -9.92
N ALA A 675 11.73 20.76 -9.54
CA ALA A 675 12.26 19.81 -10.51
C ALA A 675 11.26 19.49 -11.62
N PHE A 676 10.08 19.01 -11.23
CA PHE A 676 9.07 18.61 -12.21
C PHE A 676 8.59 19.77 -13.08
N ALA A 677 8.54 20.97 -12.50
CA ALA A 677 8.10 22.15 -13.22
C ALA A 677 9.07 22.53 -14.34
N ALA A 678 10.34 22.25 -14.11
CA ALA A 678 11.37 22.56 -15.10
C ALA A 678 11.40 21.49 -16.19
N GLN A 679 11.32 20.23 -15.78
CA GLN A 679 11.37 19.11 -16.72
C GLN A 679 10.41 19.36 -17.88
N LEU A 680 9.13 19.53 -17.56
CA LEU A 680 8.11 19.77 -18.56
C LEU A 680 8.47 20.98 -19.41
N GLU A 681 9.05 21.99 -18.76
CA GLU A 681 9.38 23.24 -19.43
C GLU A 681 10.48 23.06 -20.47
N PHE A 682 11.52 22.30 -20.13
CA PHE A 682 12.57 21.99 -21.09
C PHE A 682 11.97 21.28 -22.30
N ALA A 683 10.99 20.43 -22.05
CA ALA A 683 10.30 19.68 -23.11
C ALA A 683 9.37 20.59 -23.92
N GLN A 684 9.25 21.84 -23.48
CA GLN A 684 8.49 22.87 -24.20
C GLN A 684 6.98 22.81 -23.93
N LEU A 685 6.56 22.00 -22.96
CA LEU A 685 5.16 21.94 -22.56
C LEU A 685 4.85 22.94 -21.46
N HIS A 686 4.96 24.22 -21.77
CA HIS A 686 4.80 25.29 -20.79
C HIS A 686 3.45 25.26 -20.11
N GLY A 687 2.46 24.68 -20.79
CA GLY A 687 1.14 24.52 -20.22
C GLY A 687 1.19 23.74 -18.93
N HIS A 688 1.52 22.45 -19.02
CA HIS A 688 1.60 21.58 -17.85
C HIS A 688 2.68 22.09 -16.89
N SER A 689 3.73 22.67 -17.43
CA SER A 689 4.79 23.27 -16.62
C SER A 689 4.21 24.33 -15.68
N LEU A 690 3.36 25.18 -16.24
CA LEU A 690 2.73 26.25 -15.48
C LEU A 690 1.90 25.67 -14.34
N PHE A 691 1.10 24.66 -14.64
CA PHE A 691 0.19 24.04 -13.67
C PHE A 691 0.94 23.54 -12.44
N VAL A 692 2.05 22.85 -12.65
CA VAL A 692 2.81 22.29 -11.55
C VAL A 692 3.39 23.40 -10.69
N SER A 693 3.88 24.44 -11.33
CA SER A 693 4.47 25.57 -10.62
C SER A 693 3.48 26.08 -9.60
N CYS A 694 2.20 25.96 -9.91
CA CYS A 694 1.14 26.40 -9.01
C CYS A 694 1.31 25.78 -7.63
N PHE A 695 1.71 24.51 -7.61
CA PHE A 695 1.83 23.76 -6.35
C PHE A 695 3.00 24.25 -5.49
N LEU A 696 3.47 25.47 -5.76
CA LEU A 696 4.55 26.08 -5.02
C LEU A 696 4.05 26.76 -3.75
N ASN A 697 4.77 26.58 -2.65
CA ASN A 697 4.35 27.12 -1.35
C ASN A 697 4.99 28.46 -0.99
N ASP A 698 6.06 28.84 -1.69
CA ASP A 698 6.70 30.14 -1.48
C ASP A 698 6.17 31.15 -2.49
N ASP A 699 5.36 32.10 -2.01
CA ASP A 699 4.70 33.06 -2.90
C ASP A 699 5.69 33.92 -3.69
N LYS A 700 6.75 34.39 -3.05
CA LYS A 700 7.76 35.20 -3.71
C LYS A 700 8.42 34.42 -4.83
N ALA A 701 8.45 33.10 -4.69
CA ALA A 701 9.03 32.22 -5.69
C ALA A 701 8.09 32.04 -6.87
N ALA A 702 6.85 31.64 -6.58
CA ALA A 702 5.85 31.44 -7.61
C ALA A 702 5.81 32.61 -8.59
N GLU A 703 5.65 33.83 -8.05
CA GLU A 703 5.57 35.03 -8.88
C GLU A 703 6.65 35.06 -9.95
N ASP A 704 7.90 34.85 -9.55
CA ASP A 704 9.02 34.89 -10.49
C ASP A 704 8.93 33.73 -11.49
N THR A 705 8.68 32.52 -10.98
CA THR A 705 8.55 31.34 -11.83
C THR A 705 7.43 31.49 -12.84
N ILE A 706 6.26 31.90 -12.37
CA ILE A 706 5.10 32.10 -13.23
C ILE A 706 5.31 33.26 -14.20
N LYS A 707 5.62 34.43 -13.65
CA LYS A 707 5.76 35.62 -14.48
C LYS A 707 6.68 35.35 -15.66
N ARG A 708 7.93 35.01 -15.38
CA ARG A 708 8.93 34.80 -16.42
C ARG A 708 8.48 33.76 -17.45
N LEU A 709 7.91 32.65 -16.97
CA LEU A 709 7.45 31.59 -17.85
C LEU A 709 6.39 32.07 -18.83
N VAL A 710 5.55 32.99 -18.37
CA VAL A 710 4.45 33.52 -19.18
C VAL A 710 4.90 34.64 -20.12
N ARG A 712 7.82 35.26 -21.56
CA ARG A 712 8.58 34.75 -22.70
C ARG A 712 7.69 33.96 -23.66
N GLU A 713 6.84 33.09 -23.11
CA GLU A 713 5.99 32.22 -23.91
C GLU A 713 4.51 32.61 -23.81
N ILE A 714 4.12 33.66 -24.52
CA ILE A 714 2.71 34.07 -24.52
C ILE A 714 1.96 33.56 -25.74
N THR A 715 2.52 33.78 -26.93
CA THR A 715 1.84 33.38 -28.15
C THR A 715 1.63 31.87 -28.20
N LEU A 716 2.31 31.14 -27.33
CA LEU A 716 2.14 29.69 -27.23
C LEU A 716 1.14 29.34 -26.13
N LEU A 717 0.85 30.30 -25.26
CA LEU A 717 -0.15 30.13 -24.22
C LEU A 717 -1.39 30.96 -24.53
N ARG A 718 -2.00 30.70 -25.69
CA ARG A 718 -3.19 31.46 -26.10
C ARG A 718 -4.41 30.61 -26.42
N ALA A 719 -5.42 31.26 -26.99
CA ALA A 719 -6.72 30.64 -27.25
C ALA A 719 -6.62 29.38 -28.09
N SER A 720 -5.60 29.30 -28.94
CA SER A 720 -5.42 28.17 -29.84
C SER A 720 -5.32 26.86 -29.07
N THR A 721 -5.13 26.95 -27.76
CA THR A 721 -4.94 25.77 -26.91
C THR A 721 -5.90 25.72 -25.73
N ASN A 722 -6.98 24.95 -25.89
CA ASN A 722 -7.85 24.61 -24.77
C ASN A 722 -8.41 25.82 -24.01
N ASP A 723 -9.22 26.62 -24.70
CA ASP A 723 -9.96 27.71 -24.06
C ASP A 723 -9.14 28.50 -23.05
N HIS A 724 -8.09 29.15 -23.51
CA HIS A 724 -7.27 30.01 -22.66
C HIS A 724 -6.84 29.28 -21.38
N ILE A 725 -5.81 28.46 -21.49
CA ILE A 725 -5.29 27.70 -20.35
C ILE A 725 -4.81 28.63 -19.24
N LEU A 726 -4.21 29.75 -19.63
CA LEU A 726 -3.65 30.68 -18.67
C LEU A 726 -4.72 31.38 -17.84
N ASN A 727 -5.92 31.51 -18.41
CA ASN A 727 -7.03 32.16 -17.71
C ASN A 727 -7.72 31.19 -16.75
N ARG A 728 -7.76 29.92 -17.12
CA ARG A 728 -8.39 28.89 -16.32
C ARG A 728 -7.55 28.54 -15.09
N LEU A 729 -6.41 29.19 -14.97
CA LEU A 729 -5.50 28.95 -13.85
C LEU A 729 -5.47 30.13 -12.89
N LYS A 730 -6.30 31.13 -13.16
CA LYS A 730 -6.38 32.32 -12.31
C LYS A 730 -5.09 33.14 -12.37
N ILE A 731 -4.47 33.17 -13.55
CA ILE A 731 -3.27 33.99 -13.75
C ILE A 731 -3.64 35.47 -13.85
N PRO A 732 -2.95 36.31 -13.06
CA PRO A 732 -3.23 37.73 -12.95
C PRO A 732 -3.55 38.39 -14.29
N SER A 733 -4.58 39.23 -14.30
CA SER A 733 -4.99 39.94 -15.50
C SER A 733 -3.91 40.89 -15.97
N GLN A 734 -3.30 41.60 -15.02
CA GLN A 734 -2.26 42.56 -15.34
C GLN A 734 -1.03 41.87 -15.94
N LEU A 735 -0.74 40.65 -15.49
CA LEU A 735 0.41 39.90 -15.98
C LEU A 735 0.30 39.59 -17.46
N ILE A 736 -0.88 39.14 -17.88
CA ILE A 736 -1.14 38.86 -19.29
C ILE A 736 -0.95 40.10 -20.13
N PHE A 737 -1.64 41.18 -19.77
CA PHE A 737 -1.60 42.44 -20.51
C PHE A 737 -0.17 42.99 -20.60
N ASN A 738 0.61 42.83 -19.54
CA ASN A 738 1.98 43.33 -19.53
C ASN A 738 2.86 42.61 -20.53
N ALA A 739 2.56 41.34 -20.76
CA ALA A 739 3.36 40.49 -21.65
C ALA A 739 2.81 40.48 -23.07
N GLN A 740 1.49 40.39 -23.19
CA GLN A 740 0.84 40.38 -24.49
C GLN A 740 1.35 41.50 -25.37
N ALA A 741 1.35 42.72 -24.82
CA ALA A 741 1.77 43.91 -25.54
C ALA A 741 3.29 44.05 -25.56
N LEU A 742 3.95 43.29 -24.69
CA LEU A 742 5.41 43.26 -24.68
C LEU A 742 5.95 42.63 -25.96
N LYS A 743 5.44 41.45 -26.27
CA LYS A 743 5.84 40.73 -27.49
C LYS A 743 5.40 41.49 -28.74
N ASP A 744 4.23 42.13 -28.66
CA ASP A 744 3.74 42.93 -29.78
C ASP A 744 4.72 44.06 -30.08
N ARG A 745 5.33 44.61 -29.03
CA ARG A 745 6.36 45.64 -29.17
C ARG A 745 7.57 45.09 -29.91
N TYR A 746 7.79 43.79 -29.76
CA TYR A 746 8.91 43.11 -30.39
C TYR A 746 8.65 42.82 -31.87
N GLU A 747 7.59 42.06 -32.14
CA GLU A 747 7.26 41.66 -33.51
C GLU A 747 7.02 42.86 -34.42
N GLY A 748 6.92 44.05 -33.83
CA GLY A 748 6.81 45.26 -34.60
C GLY A 748 8.15 45.63 -35.20
N ASN A 749 9.15 45.75 -34.33
CA ASN A 749 10.50 46.11 -34.76
C ASN A 749 11.09 45.06 -35.71
N TYR A 750 10.60 43.82 -35.58
CA TYR A 750 11.11 42.70 -36.34
C TYR A 750 10.53 42.62 -37.76
N LEU A 751 9.21 42.78 -37.86
CA LEU A 751 8.53 42.71 -39.16
C LEU A 751 8.79 43.98 -39.98
N ILE B 35 -46.69 -19.33 37.00
CA ILE B 35 -46.93 -20.31 38.06
C ILE B 35 -46.42 -21.70 37.64
N ASP B 36 -45.10 -21.80 37.47
CA ASP B 36 -44.47 -23.04 37.02
C ASP B 36 -44.99 -24.26 37.78
N PRO B 37 -45.71 -25.14 37.05
CA PRO B 37 -46.32 -26.39 37.53
C PRO B 37 -45.27 -27.46 37.84
N PHE B 38 -44.07 -27.24 37.32
CA PHE B 38 -42.98 -28.19 37.43
C PHE B 38 -42.44 -28.30 38.85
N ASN B 39 -43.05 -27.56 39.77
CA ASN B 39 -42.63 -27.59 41.16
C ASN B 39 -42.84 -28.97 41.78
N ILE B 40 -43.88 -29.67 41.32
CA ILE B 40 -44.14 -31.05 41.75
C ILE B 40 -43.33 -32.02 40.90
N ILE B 41 -43.33 -31.80 39.59
CA ILE B 41 -42.57 -32.62 38.67
C ILE B 41 -41.10 -32.67 39.09
N ARG B 42 -40.54 -31.51 39.43
CA ARG B 42 -39.16 -31.43 39.86
C ARG B 42 -38.86 -32.41 41.00
N GLU B 43 -39.88 -32.75 41.77
CA GLU B 43 -39.70 -33.66 42.88
C GLU B 43 -39.93 -35.13 42.51
N PHE B 44 -40.52 -35.35 41.33
CA PHE B 44 -40.56 -36.68 40.73
C PHE B 44 -39.18 -36.94 40.15
N ARG B 45 -38.79 -36.06 39.23
CA ARG B 45 -37.48 -36.07 38.61
C ARG B 45 -36.34 -36.19 39.63
N SER B 46 -36.55 -35.63 40.82
CA SER B 46 -35.56 -35.71 41.88
C SER B 46 -35.44 -37.14 42.39
N ALA B 47 -36.59 -37.75 42.69
CA ALA B 47 -36.61 -39.13 43.18
C ALA B 47 -36.21 -40.13 42.10
N ALA B 48 -36.61 -39.84 40.86
CA ALA B 48 -36.27 -40.71 39.73
C ALA B 48 -34.76 -40.88 39.64
N GLY B 49 -34.04 -39.77 39.85
CA GLY B 49 -32.59 -39.78 39.79
C GLY B 49 -31.94 -40.46 40.97
N GLN B 50 -32.52 -40.28 42.16
CA GLN B 50 -32.00 -40.92 43.36
C GLN B 50 -32.31 -42.41 43.36
N LEU B 51 -33.24 -42.83 42.50
CA LEU B 51 -33.53 -44.25 42.32
C LEU B 51 -32.54 -44.88 41.35
N ALA B 52 -31.79 -44.04 40.66
CA ALA B 52 -30.72 -44.49 39.78
C ALA B 52 -29.52 -44.92 40.63
N LEU B 53 -29.42 -44.35 41.83
CA LEU B 53 -28.28 -44.59 42.71
C LEU B 53 -28.44 -45.83 43.58
N ASP B 54 -29.62 -46.44 43.58
CA ASP B 54 -29.82 -47.65 44.35
C ASP B 54 -29.40 -48.88 43.56
N LEU B 55 -28.93 -48.64 42.34
CA LEU B 55 -28.45 -49.72 41.49
C LEU B 55 -26.97 -49.98 41.75
N ALA B 56 -26.19 -48.90 41.87
CA ALA B 56 -24.75 -48.97 42.07
C ALA B 56 -24.38 -49.84 43.26
N ASN B 57 -25.03 -49.58 44.39
CA ASN B 57 -24.73 -50.30 45.63
C ASN B 57 -24.90 -51.80 45.47
N SER B 58 -26.14 -52.26 45.65
CA SER B 58 -26.46 -53.68 45.51
C SER B 58 -27.52 -53.95 44.44
N GLY B 59 -27.18 -53.64 43.19
CA GLY B 59 -28.05 -53.95 42.07
C GLY B 59 -27.97 -55.43 41.77
N ASP B 60 -27.52 -55.76 40.56
CA ASP B 60 -27.15 -57.14 40.20
C ASP B 60 -28.31 -58.14 40.12
N GLU B 61 -29.52 -57.70 40.49
CA GLU B 61 -30.71 -58.52 40.31
C GLU B 61 -31.68 -57.82 39.36
N SER B 62 -32.98 -58.10 39.50
CA SER B 62 -33.99 -57.48 38.65
C SER B 62 -34.08 -55.99 38.92
N ASN B 63 -33.57 -55.57 40.07
CA ASN B 63 -33.66 -54.18 40.49
C ASN B 63 -32.69 -53.24 39.79
N VAL B 64 -31.63 -53.78 39.20
CA VAL B 64 -30.73 -52.96 38.39
C VAL B 64 -31.36 -52.72 37.02
N ILE B 65 -32.24 -53.62 36.62
CA ILE B 65 -32.93 -53.53 35.34
C ILE B 65 -34.16 -52.64 35.44
N SER B 66 -35.01 -52.92 36.42
CA SER B 66 -36.23 -52.15 36.62
C SER B 66 -35.93 -50.69 36.97
N SER B 67 -34.75 -50.44 37.50
CA SER B 67 -34.35 -49.09 37.90
C SER B 67 -33.62 -48.36 36.77
N LYS B 68 -33.47 -49.05 35.65
CA LYS B 68 -33.01 -48.40 34.42
C LYS B 68 -34.21 -47.67 33.85
N ASP B 69 -35.39 -48.02 34.34
CA ASP B 69 -36.63 -47.34 33.99
C ASP B 69 -36.77 -46.02 34.76
N TRP B 70 -36.29 -46.02 36.01
CA TRP B 70 -36.36 -44.82 36.84
C TRP B 70 -35.49 -43.70 36.29
N GLU B 71 -34.26 -44.04 35.88
CA GLU B 71 -33.33 -43.05 35.36
C GLU B 71 -33.75 -42.60 33.97
N LEU B 72 -34.56 -43.41 33.30
CA LEU B 72 -35.17 -43.02 32.03
C LEU B 72 -36.30 -42.00 32.25
N GLU B 73 -37.07 -42.20 33.31
CA GLU B 73 -38.13 -41.27 33.65
C GLU B 73 -37.53 -39.89 33.89
N ALA B 74 -36.56 -39.85 34.81
CA ALA B 74 -35.88 -38.62 35.17
C ALA B 74 -35.36 -37.85 33.95
N ARG B 75 -34.74 -38.56 33.00
CA ARG B 75 -34.21 -37.90 31.81
C ARG B 75 -35.34 -37.41 30.92
N PHE B 76 -36.53 -38.00 31.09
CA PHE B 76 -37.70 -37.55 30.37
C PHE B 76 -38.30 -36.29 31.02
N TRP B 77 -38.40 -36.31 32.35
CA TRP B 77 -38.91 -35.15 33.09
C TRP B 77 -38.07 -33.92 32.83
N HIS B 78 -36.82 -34.13 32.40
CA HIS B 78 -35.94 -33.01 32.07
C HIS B 78 -36.28 -32.47 30.68
N LEU B 79 -36.35 -33.35 29.68
CA LEU B 79 -36.72 -32.94 28.33
C LEU B 79 -38.07 -32.24 28.35
N VAL B 80 -38.96 -32.75 29.20
CA VAL B 80 -40.26 -32.12 29.42
C VAL B 80 -40.07 -30.75 30.09
N GLU B 81 -39.29 -30.73 31.16
CA GLU B 81 -39.13 -29.52 31.95
C GLU B 81 -38.57 -28.34 31.16
N LEU B 82 -37.85 -28.62 30.07
CA LEU B 82 -37.15 -27.56 29.34
C LEU B 82 -37.69 -27.26 27.93
N LEU B 83 -38.44 -28.18 27.34
CA LEU B 83 -39.07 -27.91 26.05
C LEU B 83 -40.35 -27.09 26.24
N LEU B 84 -41.05 -27.34 27.34
CA LEU B 84 -42.23 -26.55 27.68
C LEU B 84 -41.81 -25.11 27.97
N VAL B 85 -40.80 -24.97 28.82
CA VAL B 85 -40.24 -23.65 29.12
C VAL B 85 -40.19 -22.80 27.85
N PHE B 86 -39.99 -23.47 26.71
CA PHE B 86 -39.98 -22.81 25.41
C PHE B 86 -41.33 -22.18 25.08
N ARG B 87 -41.50 -20.93 25.52
CA ARG B 87 -42.68 -20.12 25.25
C ARG B 87 -42.28 -18.65 25.29
N ASN B 88 -43.12 -17.76 24.77
CA ASN B 88 -42.78 -16.34 24.64
C ASN B 88 -41.84 -15.83 25.73
N ALA B 89 -40.77 -15.15 25.31
CA ALA B 89 -39.76 -14.64 26.24
C ALA B 89 -38.93 -13.50 25.68
N ASP B 90 -39.50 -12.29 25.68
CA ASP B 90 -38.79 -11.10 25.20
C ASP B 90 -38.12 -11.35 23.86
N LEU B 91 -38.91 -11.82 22.90
CA LEU B 91 -38.40 -12.20 21.59
C LEU B 91 -38.17 -10.98 20.68
N ASP B 92 -38.84 -9.87 20.99
CA ASP B 92 -38.77 -8.68 20.16
C ASP B 92 -37.37 -8.07 20.06
N LEU B 93 -36.93 -7.45 21.15
CA LEU B 93 -35.63 -6.76 21.17
C LEU B 93 -34.46 -7.71 20.85
N ASP B 94 -34.76 -9.01 20.86
CA ASP B 94 -33.78 -10.00 20.44
C ASP B 94 -33.38 -9.81 18.97
N GLU B 95 -34.37 -9.52 18.13
CA GLU B 95 -34.13 -9.30 16.71
C GLU B 95 -32.92 -8.41 16.52
N GLU B 97 -30.67 -6.46 13.98
CA GLU B 97 -30.89 -5.93 12.63
C GLU B 97 -29.76 -5.02 12.14
N LEU B 98 -28.93 -4.54 13.07
CA LEU B 98 -27.80 -3.70 12.69
C LEU B 98 -26.59 -4.54 12.30
N HIS B 99 -26.76 -5.86 12.34
CA HIS B 99 -25.67 -6.79 12.07
C HIS B 99 -25.73 -7.48 10.71
N PRO B 100 -26.94 -7.70 10.16
CA PRO B 100 -27.01 -8.27 8.81
C PRO B 100 -26.14 -7.46 7.84
N TYR B 101 -26.00 -7.95 6.61
CA TYR B 101 -25.07 -7.39 5.61
C TYR B 101 -23.61 -7.54 6.05
N ASN B 102 -23.42 -7.77 7.35
CA ASN B 102 -22.10 -7.94 7.94
C ASN B 102 -21.14 -8.75 7.08
N SER B 103 -21.61 -9.87 6.55
CA SER B 103 -20.76 -10.86 5.92
C SER B 103 -19.68 -11.33 6.89
N ARG B 104 -20.01 -11.28 8.18
CA ARG B 104 -19.12 -11.73 9.24
C ARG B 104 -18.99 -13.24 9.25
N GLY B 105 -19.95 -13.91 8.62
CA GLY B 105 -19.99 -15.36 8.60
C GLY B 105 -20.07 -15.94 9.99
N LEU B 106 -21.15 -15.61 10.69
CA LEU B 106 -21.26 -15.95 12.10
C LEU B 106 -22.70 -15.71 12.52
N PHE B 107 -23.59 -15.82 11.54
CA PHE B 107 -25.02 -15.59 11.74
C PHE B 107 -25.69 -16.71 12.51
N GLU B 108 -24.90 -17.66 13.00
CA GLU B 108 -25.47 -18.71 13.82
C GLU B 108 -26.34 -18.05 14.88
N LYS B 109 -25.84 -16.98 15.47
CA LYS B 109 -26.54 -16.31 16.56
C LYS B 109 -27.94 -15.85 16.13
N LYS B 110 -28.07 -15.45 14.87
CA LYS B 110 -29.35 -14.96 14.35
C LYS B 110 -30.21 -16.08 13.72
N LEU B 111 -29.62 -16.86 12.83
CA LEU B 111 -30.33 -17.91 12.12
C LEU B 111 -30.60 -19.13 13.01
N GLN B 113 -32.07 -18.01 15.98
CA GLN B 113 -32.95 -17.21 16.82
C GLN B 113 -34.21 -16.83 16.05
N ASP B 114 -34.12 -16.87 14.73
CA ASP B 114 -35.27 -16.59 13.87
C ASP B 114 -36.04 -17.85 13.51
N ASN B 115 -35.33 -18.95 13.30
CA ASN B 115 -35.96 -20.25 13.03
C ASN B 115 -36.13 -21.03 14.32
N LYS B 116 -37.18 -20.71 15.05
CA LYS B 116 -37.41 -21.31 16.37
C LYS B 116 -37.42 -22.82 16.30
N GLN B 117 -37.73 -23.36 15.12
CA GLN B 117 -37.79 -24.81 14.91
C GLN B 117 -36.41 -25.44 15.12
N LEU B 118 -35.41 -24.95 14.38
CA LEU B 118 -34.07 -25.50 14.47
C LEU B 118 -33.51 -25.42 15.89
N TYR B 119 -33.70 -24.28 16.55
CA TYR B 119 -33.19 -24.15 17.91
C TYR B 119 -33.83 -25.19 18.82
N GLN B 120 -35.09 -25.51 18.55
CA GLN B 120 -35.80 -26.51 19.33
C GLN B 120 -35.07 -27.86 19.23
N ILE B 121 -34.78 -28.26 18.00
CA ILE B 121 -33.90 -29.40 17.73
C ILE B 121 -32.69 -29.36 18.65
N TRP B 122 -31.92 -28.29 18.56
CA TRP B 122 -30.71 -28.10 19.35
C TRP B 122 -30.94 -28.37 20.84
N ILE B 123 -31.99 -27.78 21.40
CA ILE B 123 -32.28 -27.96 22.81
C ILE B 123 -32.32 -29.44 23.15
N VAL B 124 -32.79 -30.25 22.22
CA VAL B 124 -32.86 -31.69 22.44
C VAL B 124 -31.46 -32.26 22.49
N VAL B 126 -28.48 -30.96 23.14
CA VAL B 126 -27.74 -30.68 24.38
C VAL B 126 -28.25 -31.55 25.51
N TRP B 127 -29.55 -31.85 25.49
CA TRP B 127 -30.14 -32.73 26.47
C TRP B 127 -29.64 -34.18 26.29
N LEU B 128 -29.50 -34.60 25.04
CA LEU B 128 -28.97 -35.93 24.74
C LEU B 128 -27.50 -36.02 25.11
N LYS B 129 -26.76 -34.94 24.86
CA LYS B 129 -25.33 -34.93 25.13
C LYS B 129 -25.05 -35.16 26.61
N GLU B 130 -25.80 -34.50 27.48
CA GLU B 130 -25.62 -34.67 28.91
C GLU B 130 -26.03 -36.05 29.37
N ASN B 131 -26.27 -36.95 28.42
CA ASN B 131 -26.75 -38.28 28.73
C ASN B 131 -25.85 -39.40 28.21
N THR B 132 -24.79 -39.02 27.50
CA THR B 132 -23.89 -40.03 26.95
C THR B 132 -22.98 -40.58 28.05
N TYR B 133 -22.32 -41.71 27.81
CA TYR B 133 -21.71 -42.46 28.90
C TYR B 133 -20.40 -41.89 29.49
N VAL B 134 -19.30 -41.98 28.76
CA VAL B 134 -17.98 -41.51 29.22
C VAL B 134 -17.24 -42.54 30.11
N GLU B 136 -13.13 -44.35 30.83
CA GLU B 136 -11.74 -43.86 30.88
C GLU B 136 -10.74 -45.02 30.96
N ARG B 137 -9.73 -44.99 30.09
CA ARG B 137 -8.79 -46.10 30.00
C ARG B 137 -7.34 -45.65 29.85
N PRO B 138 -6.39 -46.44 30.39
CA PRO B 138 -4.95 -46.18 30.24
C PRO B 138 -4.47 -46.36 28.81
N PRO B 142 -2.36 -43.19 27.28
CA PRO B 142 -1.47 -43.59 26.19
C PRO B 142 -0.78 -42.38 25.57
N THR B 143 0.41 -42.02 26.03
CA THR B 143 1.05 -40.79 25.56
C THR B 143 2.15 -41.03 24.51
N SER B 144 2.86 -39.95 24.19
CA SER B 144 3.97 -39.98 23.25
C SER B 144 3.55 -40.44 21.86
N LYS B 145 2.29 -40.20 21.52
CA LYS B 145 1.77 -40.50 20.18
C LYS B 145 2.22 -41.84 19.60
N TRP B 146 2.85 -41.78 18.44
CA TRP B 146 3.30 -42.96 17.71
C TRP B 146 4.66 -43.41 18.21
N LEU B 147 4.65 -44.27 19.23
CA LEU B 147 5.88 -44.64 19.93
C LEU B 147 6.69 -45.70 19.20
N ASN B 148 6.15 -46.92 19.20
CA ASN B 148 6.86 -48.09 18.68
C ASN B 148 7.07 -48.07 17.17
N SER B 149 6.31 -47.22 16.47
CA SER B 149 6.43 -47.15 15.01
C SER B 149 7.62 -46.30 14.58
N ILE B 150 7.98 -45.29 15.38
CA ILE B 150 9.12 -44.43 15.07
C ILE B 150 10.43 -45.14 15.37
N THR B 151 10.51 -45.76 16.55
CA THR B 151 11.71 -46.46 16.98
C THR B 151 12.14 -47.54 15.98
N SER B 152 11.15 -48.23 15.40
CA SER B 152 11.44 -49.36 14.53
C SER B 152 11.28 -49.02 13.05
N GLY B 153 10.15 -48.44 12.70
CA GLY B 153 9.79 -48.22 11.31
C GLY B 153 10.64 -47.20 10.58
N GLY B 154 10.80 -47.43 9.28
CA GLY B 154 11.39 -46.44 8.39
C GLY B 154 10.37 -45.33 8.20
N LEU B 155 9.32 -45.37 9.01
CA LEU B 155 8.32 -44.32 9.00
C LEU B 155 8.93 -43.00 9.43
N LYS B 156 10.24 -42.97 9.58
CA LYS B 156 10.90 -41.72 9.96
C LYS B 156 10.88 -40.75 8.79
N SER B 157 10.97 -41.29 7.57
CA SER B 157 10.87 -40.47 6.38
C SER B 157 9.44 -39.95 6.26
N CYS B 158 8.49 -40.86 6.47
CA CYS B 158 7.07 -40.54 6.51
C CYS B 158 6.81 -39.53 7.65
N ASP B 159 7.11 -39.99 8.87
CA ASP B 159 7.10 -39.17 10.09
C ASP B 159 5.72 -38.81 10.63
N LEU B 160 4.87 -38.29 9.76
CA LEU B 160 3.59 -37.79 10.24
C LEU B 160 2.40 -38.60 9.78
N ASP B 161 1.37 -38.62 10.63
CA ASP B 161 0.13 -39.31 10.35
C ASP B 161 -0.37 -39.06 8.94
N PHE B 162 -0.72 -37.81 8.67
CA PHE B 162 -1.20 -37.41 7.36
C PHE B 162 -0.33 -37.97 6.24
N PRO B 163 0.99 -37.72 6.27
CA PRO B 163 1.90 -38.21 5.22
C PRO B 163 2.01 -39.73 5.16
N LEU B 164 1.21 -40.45 5.94
CA LEU B 164 1.30 -41.90 6.04
C LEU B 164 0.34 -42.64 5.12
N ARG B 165 -0.90 -42.18 5.10
CA ARG B 165 -1.93 -42.86 4.32
C ARG B 165 -1.46 -43.11 2.90
N GLU B 166 -0.40 -42.42 2.51
CA GLU B 166 0.15 -42.58 1.18
C GLU B 166 0.91 -43.91 1.03
N ASN B 167 1.11 -44.62 2.13
CA ASN B 167 1.90 -45.86 2.11
C ASN B 167 1.17 -47.13 2.55
N THR B 168 -0.12 -47.00 2.84
CA THR B 168 -1.01 -48.15 3.02
C THR B 168 -0.85 -48.95 4.32
N ASN B 169 0.20 -49.76 4.41
CA ASN B 169 0.29 -50.76 5.46
C ASN B 169 1.57 -50.72 6.28
N VAL B 170 2.12 -49.53 6.45
CA VAL B 170 3.35 -49.36 7.20
C VAL B 170 3.06 -48.85 8.61
N LEU B 171 1.81 -48.97 9.02
CA LEU B 171 1.49 -48.79 10.42
C LEU B 171 1.83 -50.07 11.13
N ASP B 172 2.66 -49.98 12.16
CA ASP B 172 3.03 -51.16 12.91
C ASP B 172 1.86 -51.56 13.81
N VAL B 173 2.08 -52.58 14.64
CA VAL B 173 1.03 -53.13 15.47
C VAL B 173 0.64 -52.23 16.63
N LYS B 174 1.34 -52.37 17.75
CA LYS B 174 1.00 -51.72 19.01
C LYS B 174 0.50 -50.29 18.82
N ASP B 175 1.15 -49.53 17.95
CA ASP B 175 0.78 -48.15 17.73
C ASP B 175 -0.64 -48.04 17.18
N LYS B 176 -0.94 -48.85 16.17
CA LYS B 176 -2.23 -48.80 15.50
C LYS B 176 -3.37 -49.13 16.46
N GLU B 177 -3.00 -49.61 17.65
CA GLU B 177 -3.97 -49.98 18.67
C GLU B 177 -4.06 -48.92 19.76
N GLU B 178 -2.90 -48.39 20.18
CA GLU B 178 -2.87 -47.33 21.17
C GLU B 178 -3.57 -46.09 20.62
N ASP B 179 -3.56 -45.97 19.30
CA ASP B 179 -4.28 -44.90 18.63
C ASP B 179 -5.75 -45.23 18.55
N HIS B 180 -6.07 -46.52 18.46
CA HIS B 180 -7.46 -46.94 18.37
C HIS B 180 -8.23 -46.62 19.65
N ILE B 181 -7.76 -47.15 20.78
CA ILE B 181 -8.39 -46.88 22.06
C ILE B 181 -8.59 -45.38 22.20
N PHE B 182 -7.64 -44.62 21.65
CA PHE B 182 -7.66 -43.16 21.70
C PHE B 182 -8.91 -42.57 21.05
N PHE B 183 -9.16 -42.93 19.80
CA PHE B 183 -10.30 -42.40 19.07
C PHE B 183 -11.61 -43.02 19.54
N LYS B 184 -11.52 -44.05 20.36
CA LYS B 184 -12.71 -44.59 21.01
C LYS B 184 -13.04 -43.71 22.21
N TYR B 185 -12.01 -43.13 22.81
CA TYR B 185 -12.20 -42.22 23.94
C TYR B 185 -12.64 -40.86 23.45
N ILE B 186 -12.21 -40.48 22.25
CA ILE B 186 -12.59 -39.18 21.70
C ILE B 186 -13.98 -39.20 21.07
N TYR B 187 -14.29 -40.25 20.31
CA TYR B 187 -15.63 -40.37 19.74
C TYR B 187 -16.66 -40.45 20.85
N GLU B 188 -16.35 -41.21 21.89
CA GLU B 188 -17.26 -41.31 23.02
C GLU B 188 -17.39 -39.94 23.67
N LEU B 189 -16.28 -39.26 23.84
CA LEU B 189 -16.28 -37.99 24.58
C LEU B 189 -16.77 -36.80 23.77
N ILE B 190 -16.68 -36.88 22.44
CA ILE B 190 -17.19 -35.82 21.57
C ILE B 190 -18.70 -35.88 21.48
N LEU B 191 -19.20 -37.11 21.48
CA LEU B 191 -20.62 -37.40 21.44
C LEU B 191 -21.30 -36.76 22.63
N ALA B 192 -20.63 -36.89 23.77
CA ALA B 192 -21.10 -36.35 25.03
C ALA B 192 -20.97 -34.83 25.02
N GLY B 193 -20.33 -34.30 23.99
CA GLY B 193 -20.15 -32.87 23.87
C GLY B 193 -19.22 -32.28 24.91
N ALA B 194 -18.24 -33.09 25.34
CA ALA B 194 -17.23 -32.60 26.28
C ALA B 194 -16.04 -32.05 25.50
N ILE B 195 -16.32 -31.48 24.33
CA ILE B 195 -15.28 -30.94 23.45
C ILE B 195 -14.14 -30.35 24.24
N ASP B 196 -14.45 -29.43 25.15
CA ASP B 196 -13.43 -28.80 25.97
C ASP B 196 -12.48 -29.83 26.57
N GLU B 197 -13.01 -30.71 27.42
CA GLU B 197 -12.17 -31.71 28.07
C GLU B 197 -11.56 -32.69 27.06
N ALA B 198 -12.06 -32.66 25.84
CA ALA B 198 -11.58 -33.56 24.80
C ALA B 198 -10.20 -33.17 24.27
N LEU B 199 -10.06 -31.90 23.92
CA LEU B 199 -8.79 -31.40 23.41
C LEU B 199 -7.73 -31.38 24.51
N GLU B 200 -8.14 -31.31 25.76
CA GLU B 200 -7.18 -31.31 26.87
C GLU B 200 -6.55 -32.68 27.05
N GLU B 201 -7.07 -33.67 26.34
CA GLU B 201 -6.57 -35.03 26.45
C GLU B 201 -5.86 -35.45 25.18
N ALA B 202 -6.44 -35.07 24.05
CA ALA B 202 -5.81 -35.31 22.75
C ALA B 202 -4.48 -34.54 22.64
N LYS B 203 -4.23 -33.66 23.60
CA LYS B 203 -2.96 -32.96 23.69
C LYS B 203 -2.00 -33.73 24.60
N LEU B 204 -2.55 -34.28 25.69
CA LEU B 204 -1.75 -35.00 26.69
C LEU B 204 -1.08 -36.24 26.08
N SER B 205 -1.63 -36.69 24.97
CA SER B 205 -1.10 -37.83 24.25
C SER B 205 -0.15 -37.37 23.14
N ASP B 206 0.17 -36.08 23.13
CA ASP B 206 1.04 -35.49 22.11
C ASP B 206 0.45 -35.58 20.71
N ASN B 207 -0.83 -35.97 20.62
CA ASN B 207 -1.53 -36.05 19.35
C ASN B 207 -2.06 -34.69 18.92
N ILE B 208 -1.19 -33.68 18.95
CA ILE B 208 -1.60 -32.29 18.71
C ILE B 208 -2.12 -32.03 17.29
N SER B 209 -1.51 -32.66 16.29
CA SER B 209 -1.97 -32.50 14.92
C SER B 209 -3.46 -32.81 14.84
N ILE B 210 -3.88 -33.85 15.56
CA ILE B 210 -5.29 -34.23 15.63
C ILE B 210 -6.11 -33.13 16.28
N CYS B 211 -5.75 -32.81 17.51
CA CYS B 211 -6.39 -31.75 18.26
C CYS B 211 -6.70 -30.52 17.41
N ILE B 213 -7.48 -30.13 14.35
CA ILE B 213 -8.65 -30.31 13.50
C ILE B 213 -9.93 -30.09 14.29
N LEU B 214 -10.00 -30.65 15.50
CA LEU B 214 -11.18 -30.53 16.34
C LEU B 214 -11.45 -29.10 16.81
N CYS B 215 -10.72 -28.13 16.27
CA CYS B 215 -10.92 -26.73 16.62
C CYS B 215 -11.72 -26.01 15.54
N GLY B 216 -11.89 -26.68 14.41
CA GLY B 216 -12.70 -26.15 13.34
C GLY B 216 -14.16 -26.47 13.58
N ILE B 217 -14.38 -27.46 14.44
CA ILE B 217 -15.73 -27.93 14.75
C ILE B 217 -16.33 -27.14 15.90
N GLN B 218 -15.50 -26.84 16.90
CA GLN B 218 -15.96 -26.11 18.08
C GLN B 218 -16.23 -24.65 17.75
N GLU B 219 -15.43 -24.09 16.84
CA GLU B 219 -15.56 -22.70 16.46
C GLU B 219 -16.39 -22.56 15.20
N TYR B 220 -16.12 -23.42 14.22
CA TYR B 220 -16.87 -23.49 12.96
C TYR B 220 -17.36 -22.16 12.37
N LEU B 221 -16.69 -21.05 12.71
CA LEU B 221 -16.96 -19.75 12.10
C LEU B 221 -16.20 -18.62 12.77
N ASN B 222 -16.15 -17.47 12.12
CA ASN B 222 -15.28 -16.38 12.53
C ASN B 222 -16.03 -15.21 13.18
N PRO B 223 -15.82 -15.01 14.49
CA PRO B 223 -16.22 -13.83 15.26
C PRO B 223 -15.03 -12.90 15.45
N VAL B 224 -15.17 -11.65 15.06
CA VAL B 224 -14.10 -10.68 15.20
C VAL B 224 -14.58 -9.33 15.73
N ILE B 225 -14.56 -8.31 14.85
CA ILE B 225 -15.01 -6.97 15.19
C ILE B 225 -16.50 -6.82 14.93
N ASP B 226 -17.26 -7.86 15.25
CA ASP B 226 -18.71 -7.83 15.08
C ASP B 226 -19.36 -7.18 16.30
N THR B 227 -20.06 -6.08 16.07
CA THR B 227 -20.60 -5.27 17.18
C THR B 227 -21.34 -6.06 18.25
N GLN B 228 -22.52 -6.61 17.91
CA GLN B 228 -23.40 -7.24 18.89
C GLN B 228 -22.75 -8.31 19.76
N ILE B 229 -21.52 -8.70 19.41
CA ILE B 229 -20.89 -9.85 20.05
C ILE B 229 -19.63 -9.47 20.83
N ALA B 230 -19.27 -8.19 20.79
CA ALA B 230 -18.03 -7.72 21.42
C ALA B 230 -17.97 -8.00 22.92
N ASN B 231 -19.09 -8.41 23.50
CA ASN B 231 -19.18 -8.59 24.94
C ASN B 231 -18.83 -9.99 25.38
N GLU B 232 -18.51 -10.85 24.42
CA GLU B 232 -18.24 -12.24 24.72
C GLU B 232 -16.81 -12.64 24.39
N PHE B 233 -16.43 -12.49 23.12
CA PHE B 233 -15.16 -13.01 22.63
C PHE B 233 -13.94 -12.21 23.07
N ASN B 234 -14.01 -10.89 22.91
CA ASN B 234 -12.91 -10.01 23.29
C ASN B 234 -11.72 -10.07 22.33
N THR B 235 -11.70 -11.10 21.50
CA THR B 235 -10.64 -11.28 20.52
C THR B 235 -11.17 -12.08 19.34
N GLN B 236 -10.41 -12.11 18.25
CA GLN B 236 -10.82 -12.88 17.09
C GLN B 236 -10.50 -14.35 17.29
N GLN B 237 -11.53 -15.16 17.49
CA GLN B 237 -11.35 -16.58 17.80
C GLN B 237 -12.27 -17.49 17.00
N GLY B 238 -11.99 -17.62 15.70
CA GLY B 238 -12.79 -18.48 14.83
C GLY B 238 -12.06 -18.84 13.55
N ILE B 239 -12.72 -19.59 12.67
CA ILE B 239 -12.11 -20.01 11.41
C ILE B 239 -13.03 -19.84 10.20
N LYS B 240 -12.77 -18.84 9.37
CA LYS B 240 -13.55 -18.64 8.16
C LYS B 240 -13.55 -19.89 7.28
N LYS B 241 -14.34 -19.85 6.21
CA LYS B 241 -14.44 -20.95 5.26
C LYS B 241 -14.70 -22.32 5.89
N HIS B 242 -15.45 -22.36 7.00
CA HIS B 242 -15.79 -23.63 7.63
C HIS B 242 -16.76 -24.41 6.75
N SER B 243 -17.61 -23.68 6.03
CA SER B 243 -18.51 -24.29 5.06
C SER B 243 -17.67 -24.99 4.01
N LEU B 244 -16.44 -24.49 3.87
CA LEU B 244 -15.48 -25.07 2.94
C LEU B 244 -14.66 -26.16 3.63
N TRP B 245 -14.35 -25.92 4.90
CA TRP B 245 -13.57 -26.87 5.72
C TRP B 245 -14.36 -28.14 6.02
N ARG B 246 -15.67 -27.98 6.22
CA ARG B 246 -16.55 -29.11 6.46
C ARG B 246 -16.39 -30.15 5.37
N ARG B 247 -16.58 -29.72 4.12
CA ARG B 247 -16.46 -30.62 2.98
C ARG B 247 -15.07 -31.22 2.87
N THR B 248 -14.15 -30.74 3.71
CA THR B 248 -12.82 -31.31 3.75
C THR B 248 -12.80 -32.47 4.73
N VAL B 249 -13.15 -32.20 5.99
CA VAL B 249 -13.15 -33.24 7.00
C VAL B 249 -14.04 -34.43 6.58
N TYR B 250 -15.08 -34.17 5.80
CA TYR B 250 -15.89 -35.25 5.25
C TYR B 250 -15.08 -36.08 4.26
N SER B 251 -14.24 -35.42 3.46
CA SER B 251 -13.36 -36.15 2.54
C SER B 251 -12.42 -37.02 3.34
N LEU B 252 -12.26 -36.69 4.62
CA LEU B 252 -11.39 -37.48 5.49
C LEU B 252 -12.16 -38.68 6.02
N SER B 253 -13.44 -38.48 6.32
CA SER B 253 -14.25 -39.56 6.88
C SER B 253 -14.54 -40.67 5.89
N GLN B 254 -14.47 -40.38 4.60
CA GLN B 254 -14.83 -41.40 3.61
C GLN B 254 -13.63 -42.05 2.94
N GLN B 255 -12.43 -41.73 3.40
CA GLN B 255 -11.23 -42.33 2.83
C GLN B 255 -10.99 -43.72 3.40
N ALA B 256 -11.40 -43.91 4.65
CA ALA B 256 -11.50 -45.24 5.23
C ALA B 256 -10.17 -45.94 5.51
N GLY B 257 -9.08 -45.36 5.03
CA GLY B 257 -7.77 -45.96 5.24
C GLY B 257 -7.42 -45.99 6.71
N LEU B 258 -7.98 -45.06 7.47
CA LEU B 258 -7.60 -44.89 8.87
C LEU B 258 -8.62 -45.45 9.85
N ASP B 259 -8.26 -45.36 11.13
CA ASP B 259 -9.03 -46.00 12.20
C ASP B 259 -10.54 -45.87 12.01
N PRO B 260 -11.30 -46.93 12.37
CA PRO B 260 -12.76 -46.91 12.28
C PRO B 260 -13.41 -45.82 13.13
N TYR B 261 -13.05 -45.74 14.41
CA TYR B 261 -13.58 -44.70 15.29
C TYR B 261 -13.15 -43.30 14.86
N GLU B 262 -11.84 -43.09 14.75
CA GLU B 262 -11.32 -41.82 14.27
C GLU B 262 -12.07 -41.37 13.03
N ARG B 263 -12.18 -42.28 12.07
CA ARG B 263 -12.88 -41.99 10.82
C ARG B 263 -14.32 -41.58 11.08
N ALA B 264 -14.87 -42.07 12.19
CA ALA B 264 -16.25 -41.80 12.55
C ALA B 264 -16.44 -40.40 13.15
N ILE B 265 -15.57 -40.02 14.08
CA ILE B 265 -15.70 -38.71 14.71
C ILE B 265 -15.64 -37.59 13.67
N TYR B 266 -14.84 -37.77 12.63
CA TYR B 266 -14.76 -36.75 11.58
C TYR B 266 -16.14 -36.55 10.96
N SER B 267 -16.74 -37.63 10.48
CA SER B 267 -18.05 -37.53 9.82
C SER B 267 -19.08 -36.78 10.67
N TYR B 268 -19.15 -37.06 11.97
CA TYR B 268 -20.07 -36.35 12.87
C TYR B 268 -20.02 -34.85 12.63
N LEU B 269 -18.81 -34.30 12.70
CA LEU B 269 -18.60 -32.87 12.61
C LEU B 269 -19.06 -32.33 11.26
N SER B 270 -19.11 -33.20 10.26
CA SER B 270 -19.63 -32.83 8.95
C SER B 270 -21.09 -33.26 8.74
N GLY B 271 -21.31 -34.58 8.65
CA GLY B 271 -22.64 -35.12 8.46
C GLY B 271 -22.82 -36.45 9.17
N ALA B 272 -24.03 -36.98 9.13
CA ALA B 272 -24.36 -38.18 9.88
C ALA B 272 -24.31 -39.45 9.05
N ILE B 273 -23.10 -39.81 8.62
CA ILE B 273 -22.89 -41.08 7.96
C ILE B 273 -21.76 -41.82 8.68
N PRO B 274 -21.80 -41.84 10.02
CA PRO B 274 -20.72 -42.53 10.72
C PRO B 274 -20.58 -43.95 10.20
N ASN B 275 -19.35 -44.42 9.98
CA ASN B 275 -19.10 -45.77 9.49
C ASN B 275 -19.97 -46.80 10.24
N GLN B 276 -20.62 -47.69 9.49
CA GLN B 276 -21.48 -48.68 10.11
C GLN B 276 -20.74 -49.56 11.12
N GLU B 277 -19.46 -49.80 10.90
CA GLU B 277 -18.63 -50.57 11.83
C GLU B 277 -18.53 -49.84 13.16
N VAL B 278 -18.96 -48.58 13.17
CA VAL B 278 -18.88 -47.71 14.33
C VAL B 278 -20.26 -47.38 14.87
N LEU B 279 -21.28 -47.91 14.20
CA LEU B 279 -22.65 -47.61 14.57
C LEU B 279 -23.26 -48.72 15.42
N GLN B 280 -22.46 -49.72 15.75
CA GLN B 280 -22.87 -50.73 16.72
C GLN B 280 -23.57 -50.01 17.86
N TYR B 281 -22.81 -49.26 18.64
CA TYR B 281 -23.40 -48.51 19.75
C TYR B 281 -24.48 -47.57 19.26
N SER B 282 -25.62 -47.61 19.93
CA SER B 282 -26.69 -46.65 19.71
C SER B 282 -27.63 -46.57 20.91
N ASP B 283 -27.16 -45.95 21.98
CA ASP B 283 -28.03 -45.60 23.09
C ASP B 283 -29.26 -44.98 22.43
N TRP B 284 -29.22 -43.68 22.26
CA TRP B 284 -30.14 -42.99 21.39
C TRP B 284 -29.23 -42.03 20.66
N GLU B 285 -27.99 -42.47 20.51
CA GLU B 285 -27.00 -41.66 19.85
C GLU B 285 -27.29 -41.61 18.35
N SER B 286 -27.82 -42.70 17.78
CA SER B 286 -28.21 -42.68 16.37
C SER B 286 -29.26 -41.60 16.18
N ASP B 287 -29.85 -41.19 17.30
CA ASP B 287 -30.74 -40.04 17.35
C ASP B 287 -29.87 -38.77 17.29
N LEU B 288 -29.15 -38.48 18.37
CA LEU B 288 -28.24 -37.33 18.44
C LEU B 288 -27.45 -37.02 17.17
N HIS B 289 -27.12 -38.05 16.38
CA HIS B 289 -26.30 -37.83 15.20
C HIS B 289 -27.12 -37.59 13.96
N ILE B 290 -28.04 -38.51 13.68
CA ILE B 290 -28.92 -38.34 12.53
C ILE B 290 -29.64 -36.97 12.58
N HIS B 291 -29.70 -36.38 13.77
CA HIS B 291 -30.26 -35.02 13.90
C HIS B 291 -29.25 -33.96 13.53
N LEU B 292 -28.04 -34.08 14.09
CA LEU B 292 -26.97 -33.17 13.73
C LEU B 292 -26.88 -33.07 12.22
N ASN B 293 -27.19 -34.18 11.56
CA ASN B 293 -27.32 -34.19 10.12
C ASN B 293 -28.22 -33.04 9.70
N GLN B 294 -29.49 -33.15 10.06
CA GLN B 294 -30.50 -32.20 9.62
C GLN B 294 -30.20 -30.75 10.05
N ILE B 295 -29.53 -30.59 11.18
CA ILE B 295 -29.26 -29.24 11.69
C ILE B 295 -28.11 -28.52 10.97
N LEU B 296 -26.91 -29.08 10.98
CA LEU B 296 -25.78 -28.45 10.29
C LEU B 296 -25.97 -28.47 8.78
N GLN B 297 -27.13 -28.94 8.34
CA GLN B 297 -27.46 -28.85 6.93
C GLN B 297 -28.23 -27.58 6.66
N THR B 298 -29.36 -27.43 7.34
CA THR B 298 -30.14 -26.20 7.19
C THR B 298 -29.24 -25.03 7.51
N GLU B 299 -28.44 -25.18 8.56
CA GLU B 299 -27.44 -24.19 8.90
C GLU B 299 -26.64 -23.83 7.63
N ILE B 300 -26.07 -24.83 6.97
CA ILE B 300 -25.31 -24.60 5.74
C ILE B 300 -26.20 -24.01 4.63
N GLU B 301 -27.30 -24.69 4.30
CA GLU B 301 -28.17 -24.21 3.24
C GLU B 301 -28.70 -22.81 3.55
N ASN B 302 -28.55 -22.38 4.80
CA ASN B 302 -29.01 -21.06 5.20
C ASN B 302 -28.00 -19.96 4.90
N TYR B 303 -26.79 -20.08 5.47
CA TYR B 303 -25.74 -19.09 5.23
C TYR B 303 -25.37 -19.11 3.75
N LEU B 304 -25.88 -20.11 3.04
CA LEU B 304 -25.76 -20.16 1.59
C LEU B 304 -26.85 -19.32 0.92
N LEU B 305 -28.07 -19.45 1.43
CA LEU B 305 -29.21 -18.72 0.89
C LEU B 305 -28.98 -17.22 0.95
N GLU B 306 -28.22 -16.79 1.95
CA GLU B 306 -27.98 -15.37 2.15
C GLU B 306 -26.77 -14.86 1.39
N ASN B 307 -26.01 -15.75 0.78
CA ASN B 307 -24.79 -15.35 0.08
C ASN B 307 -23.88 -14.53 1.00
N ASN B 308 -23.96 -14.78 2.30
CA ASN B 308 -23.30 -13.94 3.30
C ASN B 308 -21.98 -14.44 3.81
N GLN B 309 -21.83 -15.76 3.90
CA GLN B 309 -20.61 -16.31 4.48
C GLN B 309 -19.91 -17.26 3.53
N VAL B 310 -20.57 -17.63 2.43
CA VAL B 310 -20.03 -18.69 1.59
C VAL B 310 -19.75 -18.31 0.15
N GLY B 311 -18.52 -18.56 -0.27
CA GLY B 311 -18.13 -18.36 -1.65
C GLY B 311 -18.51 -19.56 -2.49
N THR B 312 -18.82 -19.31 -3.76
CA THR B 312 -19.21 -20.37 -4.67
C THR B 312 -18.09 -21.40 -4.86
N ASP B 313 -16.87 -20.93 -5.08
CA ASP B 313 -15.73 -21.83 -5.35
C ASP B 313 -15.16 -22.47 -4.09
N GLU B 314 -15.85 -22.28 -2.97
CA GLU B 314 -15.40 -22.84 -1.69
C GLU B 314 -15.93 -24.25 -1.50
N LEU B 315 -16.98 -24.59 -2.23
CA LEU B 315 -17.57 -25.92 -2.13
C LEU B 315 -16.82 -26.90 -3.03
N ILE B 316 -15.89 -27.64 -2.44
CA ILE B 316 -15.07 -28.61 -3.16
C ILE B 316 -15.83 -29.93 -3.31
N LEU B 317 -16.19 -30.52 -2.18
CA LEU B 317 -16.92 -31.78 -2.15
C LEU B 317 -18.42 -31.57 -2.08
N PRO B 318 -19.17 -32.29 -2.93
CA PRO B 318 -20.63 -32.26 -2.97
C PRO B 318 -21.25 -32.65 -1.63
N LEU B 319 -22.39 -32.04 -1.31
CA LEU B 319 -23.16 -32.40 -0.12
C LEU B 319 -24.63 -32.05 -0.32
N PRO B 320 -25.53 -33.01 -0.08
CA PRO B 320 -26.96 -32.85 -0.35
C PRO B 320 -27.66 -32.04 0.73
N SER B 321 -28.68 -31.28 0.34
CA SER B 321 -29.49 -30.53 1.30
C SER B 321 -30.70 -31.34 1.74
N HIS B 322 -30.50 -32.23 2.71
CA HIS B 322 -31.54 -33.16 3.15
C HIS B 322 -32.65 -32.48 3.94
N ALA B 323 -33.86 -32.57 3.43
CA ALA B 323 -35.03 -32.10 4.16
C ALA B 323 -35.45 -33.17 5.16
N LEU B 324 -34.61 -33.44 6.14
CA LEU B 324 -34.86 -34.53 7.09
C LEU B 324 -35.85 -34.15 8.19
N THR B 325 -37.08 -33.83 7.82
CA THR B 325 -38.11 -33.45 8.81
C THR B 325 -38.09 -34.36 10.04
N VAL B 326 -37.94 -33.75 11.21
CA VAL B 326 -37.82 -34.49 12.46
C VAL B 326 -38.81 -35.66 12.60
N GLN B 327 -40.04 -35.45 12.16
CA GLN B 327 -41.07 -36.49 12.27
C GLN B 327 -40.71 -37.70 11.42
N GLU B 328 -39.91 -37.48 10.38
CA GLU B 328 -39.46 -38.56 9.51
C GLU B 328 -38.13 -39.14 10.02
N VAL B 329 -37.44 -38.35 10.84
CA VAL B 329 -36.14 -38.77 11.37
C VAL B 329 -36.31 -39.68 12.58
N LEU B 330 -37.34 -39.41 13.37
CA LEU B 330 -37.69 -40.30 14.47
C LEU B 330 -38.24 -41.62 13.95
N ASN B 331 -38.66 -41.61 12.68
CA ASN B 331 -39.23 -42.80 12.06
C ASN B 331 -38.17 -43.71 11.43
N ARG B 332 -37.19 -43.11 10.77
CA ARG B 332 -36.11 -43.89 10.19
C ARG B 332 -35.21 -44.40 11.29
N VAL B 333 -35.21 -43.70 12.42
CA VAL B 333 -34.49 -44.13 13.60
C VAL B 333 -35.29 -45.21 14.35
N ALA B 334 -36.56 -45.36 13.99
CA ALA B 334 -37.43 -46.34 14.67
C ALA B 334 -37.14 -47.78 14.23
N SER B 335 -36.44 -47.93 13.11
CA SER B 335 -36.01 -49.24 12.65
C SER B 335 -34.69 -49.63 13.30
N ARG B 336 -34.07 -48.67 13.98
CA ARG B 336 -32.85 -48.93 14.71
C ARG B 336 -33.14 -48.92 16.19
N HIS B 337 -34.43 -48.91 16.52
CA HIS B 337 -34.89 -49.01 17.89
C HIS B 337 -35.26 -50.44 18.19
N PRO B 338 -34.31 -51.20 18.75
CA PRO B 338 -34.57 -52.56 19.22
C PRO B 338 -35.66 -52.48 20.27
N SER B 339 -36.91 -52.31 19.82
CA SER B 339 -38.02 -52.06 20.72
C SER B 339 -37.64 -50.95 21.68
N GLU B 340 -36.84 -50.01 21.20
CA GLU B 340 -36.49 -48.85 22.00
C GLU B 340 -37.48 -47.72 21.71
N SER B 341 -38.30 -47.91 20.68
CA SER B 341 -39.39 -46.99 20.39
C SER B 341 -40.70 -47.60 20.87
N GLU B 342 -40.60 -48.56 21.78
CA GLU B 342 -41.77 -49.21 22.33
C GLU B 342 -41.93 -48.80 23.79
N HIS B 343 -40.81 -48.76 24.49
CA HIS B 343 -40.80 -48.42 25.92
C HIS B 343 -41.81 -47.31 26.21
N PRO B 344 -42.46 -47.37 27.38
CA PRO B 344 -43.46 -46.35 27.74
C PRO B 344 -42.87 -44.97 27.59
N ILE B 345 -41.73 -44.76 28.24
CA ILE B 345 -41.08 -43.46 28.32
C ILE B 345 -40.56 -42.98 26.97
N ARG B 346 -40.20 -43.91 26.09
CA ARG B 346 -39.64 -43.53 24.80
C ARG B 346 -40.72 -43.22 23.74
N VAL B 347 -41.96 -43.58 24.03
CA VAL B 347 -43.09 -43.19 23.18
C VAL B 347 -43.42 -41.75 23.47
N LEU B 348 -43.17 -41.36 24.72
CA LEU B 348 -43.48 -40.03 25.24
C LEU B 348 -42.43 -38.98 24.85
N ALA B 350 -40.96 -39.15 22.36
CA ALA B 350 -41.19 -39.09 20.93
C ALA B 350 -42.20 -38.01 20.56
N SER B 351 -43.26 -37.89 21.36
CA SER B 351 -44.30 -36.90 21.14
C SER B 351 -43.86 -35.51 21.62
N VAL B 352 -43.28 -35.46 22.81
CA VAL B 352 -42.70 -34.23 23.34
C VAL B 352 -41.81 -33.56 22.30
N ILE B 353 -41.17 -34.36 21.45
CA ILE B 353 -40.34 -33.81 20.39
C ILE B 353 -41.20 -33.27 19.24
N LEU B 354 -42.35 -33.87 19.01
CA LEU B 354 -43.21 -33.49 17.89
C LEU B 354 -44.35 -32.53 18.24
N ASP B 355 -44.39 -32.09 19.50
CA ASP B 355 -45.45 -31.19 19.98
C ASP B 355 -46.86 -31.80 19.85
N SER B 356 -46.91 -33.08 19.50
CA SER B 356 -48.18 -33.80 19.37
C SER B 356 -48.50 -34.53 20.66
N LEU B 357 -48.00 -33.98 21.77
CA LEU B 357 -48.23 -34.52 23.09
C LEU B 357 -49.72 -34.60 23.46
N PRO B 358 -50.53 -33.62 23.00
CA PRO B 358 -51.97 -33.65 23.28
C PRO B 358 -52.72 -34.85 22.70
N SER B 359 -52.62 -35.05 21.39
CA SER B 359 -53.31 -36.16 20.73
C SER B 359 -52.94 -37.51 21.35
N VAL B 360 -51.77 -37.55 22.00
CA VAL B 360 -51.30 -38.74 22.71
C VAL B 360 -52.14 -39.02 23.94
N ILE B 361 -52.40 -37.96 24.70
CA ILE B 361 -53.21 -38.06 25.93
C ILE B 361 -54.66 -38.38 25.61
N HIS B 362 -55.11 -37.98 24.42
CA HIS B 362 -56.50 -38.23 24.02
C HIS B 362 -56.65 -39.61 23.38
N SER B 363 -55.59 -40.09 22.73
CA SER B 363 -55.58 -41.43 22.17
C SER B 363 -55.42 -42.48 23.27
N SER B 364 -54.90 -42.04 24.41
CA SER B 364 -54.70 -42.92 25.57
C SER B 364 -55.98 -43.11 26.38
N VAL B 365 -56.68 -42.01 26.64
CA VAL B 365 -57.97 -42.07 27.33
C VAL B 365 -58.90 -43.07 26.64
N GLU B 366 -58.85 -43.12 25.32
CA GLU B 366 -59.65 -44.08 24.56
C GLU B 366 -59.51 -45.48 25.13
N LEU B 368 -58.37 -46.29 28.26
CA LEU B 368 -58.81 -46.32 29.64
C LEU B 368 -60.33 -46.34 29.72
N LEU B 369 -60.99 -46.02 28.62
CA LEU B 369 -62.45 -46.12 28.56
C LEU B 369 -62.86 -47.53 28.13
N ASP B 370 -62.08 -48.12 27.23
CA ASP B 370 -62.36 -49.46 26.74
C ASP B 370 -62.21 -50.51 27.84
N VAL B 371 -61.06 -50.52 28.50
CA VAL B 371 -60.71 -51.61 29.40
C VAL B 371 -60.80 -52.91 28.60
N VAL B 372 -60.40 -52.84 27.32
CA VAL B 372 -60.40 -54.00 26.43
C VAL B 372 -59.19 -53.97 25.49
N ASP B 383 -52.31 -56.40 25.60
CA ASP B 383 -53.40 -55.90 26.44
C ASP B 383 -53.38 -54.37 26.52
N LYS B 384 -52.99 -53.84 27.68
CA LYS B 384 -53.03 -52.40 27.93
C LYS B 384 -51.80 -51.90 28.68
N PRO B 385 -51.03 -51.00 28.05
CA PRO B 385 -49.80 -50.43 28.62
C PRO B 385 -50.03 -49.61 29.89
N TYR B 386 -51.28 -49.20 30.12
CA TYR B 386 -51.60 -48.38 31.28
C TYR B 386 -51.85 -49.23 32.53
N LEU B 387 -51.26 -50.42 32.51
CA LEU B 387 -51.24 -51.30 33.68
C LEU B 387 -49.78 -51.58 34.04
N LEU B 388 -48.89 -50.80 33.44
CA LEU B 388 -47.48 -50.79 33.80
C LEU B 388 -47.25 -49.69 34.85
N ARG B 389 -46.68 -50.07 35.98
CA ARG B 389 -46.56 -49.19 37.16
C ARG B 389 -46.03 -47.78 36.87
N ILE B 390 -45.48 -47.58 35.68
CA ILE B 390 -44.68 -46.39 35.41
C ILE B 390 -45.38 -45.32 34.56
N VAL B 391 -46.32 -45.76 33.71
CA VAL B 391 -46.90 -44.86 32.71
C VAL B 391 -47.90 -43.86 33.27
N THR B 392 -48.65 -44.25 34.29
CA THR B 392 -49.72 -43.39 34.81
C THR B 392 -49.24 -42.18 35.61
N HIS B 393 -48.06 -42.25 36.20
CA HIS B 393 -47.49 -41.09 36.88
C HIS B 393 -47.18 -40.01 35.87
N LEU B 394 -47.27 -40.39 34.60
CA LEU B 394 -46.93 -39.51 33.50
C LEU B 394 -48.22 -39.02 32.85
N ALA B 395 -49.32 -39.63 33.23
CA ALA B 395 -50.61 -39.12 32.83
C ALA B 395 -50.96 -37.87 33.65
N ILE B 396 -50.39 -37.75 34.85
CA ILE B 396 -50.57 -36.54 35.68
C ILE B 396 -49.63 -35.44 35.22
N CYS B 397 -48.67 -35.82 34.39
CA CYS B 397 -47.82 -34.87 33.68
C CYS B 397 -48.71 -34.08 32.76
N LEU B 398 -49.49 -34.79 31.97
CA LEU B 398 -50.43 -34.20 31.02
C LEU B 398 -51.60 -33.52 31.74
N ASP B 399 -51.62 -33.63 33.05
CA ASP B 399 -52.70 -33.09 33.84
C ASP B 399 -52.33 -31.74 34.43
N ILE B 400 -51.03 -31.53 34.59
CA ILE B 400 -50.52 -30.31 35.21
C ILE B 400 -50.00 -29.34 34.16
N ILE B 401 -49.67 -29.87 32.98
CA ILE B 401 -49.14 -29.05 31.91
C ILE B 401 -50.24 -28.42 31.07
N ASN B 402 -51.04 -29.24 30.42
CA ASN B 402 -52.05 -28.74 29.50
C ASN B 402 -52.82 -27.54 30.00
N PRO B 403 -53.47 -27.67 31.18
CA PRO B 403 -54.19 -26.51 31.72
C PRO B 403 -53.25 -25.34 31.96
N GLY B 404 -52.04 -25.62 32.44
CA GLY B 404 -51.07 -24.59 32.74
C GLY B 404 -50.56 -23.81 31.53
N SER B 405 -50.04 -24.52 30.53
CA SER B 405 -49.39 -23.88 29.39
C SER B 405 -50.35 -23.15 28.46
N VAL B 406 -51.30 -23.88 27.88
CA VAL B 406 -52.22 -23.30 26.90
C VAL B 406 -53.69 -23.53 27.26
N GLU B 407 -53.93 -24.39 28.26
CA GLU B 407 -55.28 -24.83 28.54
C GLU B 407 -55.84 -25.43 27.25
N GLU B 408 -55.08 -26.32 26.65
CA GLU B 408 -55.42 -26.86 25.34
C GLU B 408 -55.82 -28.33 25.41
N VAL B 409 -56.38 -28.73 26.55
CA VAL B 409 -56.88 -30.09 26.72
C VAL B 409 -58.24 -30.14 27.42
N ASP B 410 -59.16 -30.87 26.81
CA ASP B 410 -60.55 -30.96 27.26
C ASP B 410 -60.65 -31.27 28.75
N LYS B 411 -61.64 -30.69 29.41
CA LYS B 411 -61.83 -30.93 30.85
C LYS B 411 -62.43 -32.29 31.10
N SER B 412 -62.85 -32.98 30.04
CA SER B 412 -63.39 -34.33 30.17
C SER B 412 -62.28 -35.37 30.06
N LYS B 413 -61.43 -35.25 29.04
CA LYS B 413 -60.28 -36.15 28.86
C LYS B 413 -59.36 -36.06 30.07
N LEU B 414 -59.17 -34.86 30.56
CA LEU B 414 -58.44 -34.64 31.80
C LEU B 414 -59.19 -35.30 32.95
N ILE B 415 -60.33 -34.73 33.31
CA ILE B 415 -61.08 -35.14 34.51
C ILE B 415 -61.16 -36.65 34.73
N THR B 416 -61.49 -37.38 33.67
CA THR B 416 -61.62 -38.83 33.77
C THR B 416 -60.32 -39.52 34.17
N THR B 417 -59.20 -39.11 33.56
CA THR B 417 -57.91 -39.72 33.91
C THR B 417 -57.32 -39.20 35.22
N TYR B 418 -58.00 -38.26 35.87
CA TYR B 418 -57.62 -37.86 37.23
C TYR B 418 -58.27 -38.86 38.16
N ILE B 419 -59.54 -39.13 37.87
CA ILE B 419 -60.37 -40.02 38.67
C ILE B 419 -59.82 -41.45 38.63
N SER B 420 -59.85 -42.07 37.47
CA SER B 420 -59.41 -43.46 37.32
C SER B 420 -58.05 -43.70 37.98
N LEU B 421 -57.16 -42.70 37.89
CA LEU B 421 -55.85 -42.82 38.52
C LEU B 421 -55.95 -42.93 40.04
N LEU B 422 -56.49 -41.88 40.67
CA LEU B 422 -56.64 -41.90 42.12
C LEU B 422 -57.52 -43.07 42.57
N LYS B 423 -58.14 -43.75 41.61
CA LYS B 423 -58.97 -44.93 41.87
C LYS B 423 -58.15 -46.19 42.06
N LEU B 424 -57.42 -46.55 41.00
CA LEU B 424 -56.72 -47.83 40.95
C LEU B 424 -55.27 -47.71 41.42
N GLN B 425 -55.09 -47.49 42.71
CA GLN B 425 -53.75 -47.32 43.28
C GLN B 425 -53.41 -48.46 44.23
N GLY B 426 -52.12 -48.67 44.45
CA GLY B 426 -51.65 -49.71 45.35
C GLY B 426 -50.56 -49.21 46.28
#